data_6AWN
#
_entry.id   6AWN
#
_cell.length_a   129.150
_cell.length_b   162.840
_cell.length_c   140.820
_cell.angle_alpha   90.00
_cell.angle_beta   90.00
_cell.angle_gamma   90.00
#
_symmetry.space_group_name_H-M   'C 2 2 21'
#
loop_
_entity.id
_entity.type
_entity.pdbx_description
1 polymer 'Sodium-dependent serotonin transporter'
2 polymer '8B6 antibody FAB heavy chain'
3 polymer '8B6 antibody FAB light chain'
4 non-polymer 2-acetamido-2-deoxy-beta-D-glucopyranose
5 non-polymer CHOLESTEROL
6 non-polymer DODECYL-BETA-D-MALTOSIDE
7 non-polymer Paroxetine
8 non-polymer 'CHLORIDE ION'
9 non-polymer 'SODIUM ION'
#
loop_
_entity_poly.entity_id
_entity_poly.type
_entity_poly.pdbx_seq_one_letter_code
_entity_poly.pdbx_strand_id
1 'polypeptide(L)'
;GSQGERETWGKKVDFLLSVIGYAVDLGNVWRFPYICAQNGGGAFLLPYTIMAIFGGIPLFYMELALGQYHRNGCISIWRK
ICPIFKGIGYAICIIAFYIASYYNTIMAWALYYLISSFTDQLPWTSCKNSWNTGNCTNYFSEDNITWTLHSTSPAEEFYT
RHVLQIHRSKGLQDLGGISWQLALCIMLIFTVIYFSIWKGVKTSGKVVWVTATFPYIALSVLLVRGATLPGAWRGVLFYL
KPNWQKLLETGVWIDAAAQIFFSLGPGFGVLLAFASYNKFNNNCYQDALVTSVVNCMTSFVSGFVIFTVLGYMAEMRNED
VSEVAKDAGPSLLFITYAEAIANMPASTFFAIIFFLMLITLGLDSTFAGLEGVITAVLDEFPHVWAKRRERFVLAVVITC
FFGSLVTLTFGGAYVVKLLEEYATGPAVLTVALIEAVAVSWFYGITQFCRDVKEMLGFSPGWFWRICWVAISPLFLLFII
ASFLMSPPQLRLFQYNYPYWSIILGYAIGTSSFICIPTYIAYRLIITPGTFKERIIKSITPETPTLVPR
;
A
2 'polypeptide(L)'
;EVQLQQSGPELVKPGASVKISCKASGYTFTDYYMNWVKQSHGKSLEWIGNINPNNGGTSYNQKFKGKATLTVDKSSTTAY
MELRSLTSEDSAVYYCTRSPVRPYYFDYWGQGTTLTVSSAKTTPPSVYPLAPGCGDTTGSSVTLGCLVKGYFPESVTVTW
NSGSLSSSVHTFPALLQSGLYTMSSSVTVPSSTWPSQTVTCSVAHPASSTTVDKKLEPRGSHHHHHHHH
;
B
3 'polypeptide(L)'
;DIVMTQSHKFMSTSVGDRVSITCKASQDVSTAVAWYQQKPGQSPKLLIYSASYRYTGVPDRFTGSGSGTDFTFTISSVQA
EDLAVYYCQQHYSIPRTFGGGTKLEIKRADAAPTVSIFPPSSEQLTSGGASVVCFLNNFYPKDINVKWKIDGSERQNGVL
NSWTDQDSKDSTYSMSSTLTLTKDEYERHNSYTCEATHKTSTSPIVKSFNRNEC
;
C
#
loop_
_chem_comp.id
_chem_comp.type
_chem_comp.name
_chem_comp.formula
8PR non-polymer Paroxetine 'C19 H20 F N O3'
CL non-polymer 'CHLORIDE ION' 'Cl -1'
CLR non-polymer CHOLESTEROL 'C27 H46 O'
LMT D-saccharide DODECYL-BETA-D-MALTOSIDE 'C24 H46 O11'
NA non-polymer 'SODIUM ION' 'Na 1'
NAG D-saccharide, beta linking 2-acetamido-2-deoxy-beta-D-glucopyranose 'C8 H15 N O6'
#
# COMPACT_ATOMS: atom_id res chain seq x y z
N GLY A 1 14.73 -29.36 -40.06
CA GLY A 1 13.33 -29.13 -40.39
C GLY A 1 12.59 -28.39 -39.30
N SER A 2 11.26 -28.39 -39.40
CA SER A 2 10.37 -27.72 -38.44
C SER A 2 10.81 -26.26 -38.35
N GLN A 3 11.07 -25.72 -37.16
CA GLN A 3 11.51 -24.33 -37.04
C GLN A 3 12.89 -24.14 -37.66
N GLY A 4 13.89 -24.87 -37.16
CA GLY A 4 15.23 -24.81 -37.69
C GLY A 4 15.86 -23.45 -37.50
N GLU A 5 16.07 -22.71 -38.58
CA GLU A 5 16.68 -21.40 -38.47
C GLU A 5 15.76 -20.45 -37.73
N ARG A 6 16.35 -19.51 -37.01
CA ARG A 6 15.58 -18.57 -36.21
C ARG A 6 14.97 -17.51 -37.14
N GLU A 7 14.08 -16.70 -36.59
CA GLU A 7 13.43 -15.63 -37.36
C GLU A 7 14.38 -14.45 -37.54
N THR A 8 13.99 -13.50 -38.40
CA THR A 8 14.82 -12.34 -38.63
C THR A 8 14.02 -11.07 -38.40
N TRP A 9 14.60 -9.77 -37.91
CA TRP A 9 13.92 -8.51 -37.66
C TRP A 9 13.34 -7.93 -38.95
N GLY A 10 12.33 -7.08 -38.83
CA GLY A 10 11.72 -6.47 -40.00
C GLY A 10 12.39 -5.31 -40.70
N LYS A 11 13.30 -4.61 -40.02
CA LYS A 11 14.06 -3.48 -40.58
C LYS A 11 15.23 -3.12 -39.66
N LYS A 12 16.22 -2.44 -40.23
CA LYS A 12 17.40 -2.01 -39.47
C LYS A 12 17.05 -0.97 -38.41
N VAL A 13 16.20 0.00 -38.77
CA VAL A 13 15.82 1.10 -37.88
C VAL A 13 15.02 0.61 -36.68
N ASP A 14 14.27 -0.48 -36.85
CA ASP A 14 13.45 -1.01 -35.75
C ASP A 14 14.33 -1.49 -34.58
N PHE A 15 15.43 -2.33 -34.99
CA PHE A 15 16.37 -2.81 -34.00
C PHE A 15 17.26 -1.66 -33.52
N LEU A 16 17.56 -0.64 -34.22
CA LEU A 16 18.34 0.48 -33.74
C LEU A 16 17.56 1.23 -32.67
N LEU A 17 16.33 1.63 -33.01
CA LEU A 17 15.45 2.29 -32.06
C LEU A 17 14.99 1.37 -30.94
N SER A 18 15.06 0.05 -31.15
CA SER A 18 14.67 -0.92 -30.14
C SER A 18 15.72 -0.99 -29.03
N VAL A 19 16.99 -1.12 -29.42
CA VAL A 19 18.05 -1.15 -28.42
C VAL A 19 18.17 0.23 -27.78
N ILE A 20 17.85 1.28 -28.54
CA ILE A 20 17.80 2.62 -27.95
C ILE A 20 16.66 2.67 -26.94
N GLY A 21 15.55 2.00 -27.24
CA GLY A 21 14.41 1.99 -26.33
C GLY A 21 14.74 1.29 -25.03
N TYR A 22 15.48 0.18 -25.10
CA TYR A 22 15.96 -0.45 -23.87
C TYR A 22 16.91 0.48 -23.11
N ALA A 23 17.84 1.13 -23.84
CA ALA A 23 18.86 1.95 -23.19
C ALA A 23 18.26 3.15 -22.45
N VAL A 24 17.23 3.78 -23.02
CA VAL A 24 16.67 5.04 -22.52
C VAL A 24 15.46 4.81 -21.63
N ASP A 25 15.48 5.38 -20.43
CA ASP A 25 14.41 5.16 -19.46
C ASP A 25 14.27 6.39 -18.57
N LEU A 26 13.63 6.20 -17.40
CA LEU A 26 13.44 7.26 -16.41
C LEU A 26 14.79 7.76 -15.90
N GLY A 27 15.66 6.82 -15.52
CA GLY A 27 16.93 7.17 -14.93
C GLY A 27 17.73 8.07 -15.84
N ASN A 28 17.67 7.83 -17.14
CA ASN A 28 18.29 8.75 -18.08
C ASN A 28 17.75 10.17 -17.86
N VAL A 29 16.46 10.31 -17.55
CA VAL A 29 15.87 11.64 -17.43
C VAL A 29 16.30 12.34 -16.15
N TRP A 30 16.29 11.65 -15.00
CA TRP A 30 16.49 12.40 -13.76
C TRP A 30 17.69 11.94 -12.95
N ARG A 31 18.09 10.67 -13.09
CA ARG A 31 19.20 10.11 -12.33
C ARG A 31 20.50 10.78 -12.78
N PHE A 32 20.79 10.73 -14.07
CA PHE A 32 22.02 11.34 -14.57
C PHE A 32 22.12 12.83 -14.29
N PRO A 33 21.07 13.65 -14.44
CA PRO A 33 21.24 15.07 -14.10
C PRO A 33 21.55 15.29 -12.63
N TYR A 34 20.97 14.47 -11.75
CA TYR A 34 21.23 14.61 -10.32
C TYR A 34 22.66 14.22 -9.99
N ILE A 35 23.07 13.02 -10.40
CA ILE A 35 24.41 12.53 -10.10
C ILE A 35 25.44 13.39 -10.78
N CYS A 36 25.07 14.06 -11.86
CA CYS A 36 25.99 14.93 -12.58
C CYS A 36 26.18 16.24 -11.82
N ALA A 37 25.07 16.94 -11.53
CA ALA A 37 25.17 18.21 -10.84
C ALA A 37 25.67 18.06 -9.40
N GLN A 38 25.58 16.87 -8.81
CA GLN A 38 26.07 16.68 -7.45
C GLN A 38 27.57 16.40 -7.40
N ASN A 39 28.09 15.57 -8.31
CA ASN A 39 29.50 15.19 -8.30
C ASN A 39 30.32 16.06 -9.25
N GLY A 40 30.65 17.26 -8.78
CA GLY A 40 31.52 18.16 -9.53
C GLY A 40 30.91 18.83 -10.73
N GLY A 41 29.59 18.75 -10.89
CA GLY A 41 28.93 19.40 -12.01
C GLY A 41 29.40 18.93 -13.38
N GLY A 42 29.68 19.90 -14.26
CA GLY A 42 30.13 19.58 -15.61
C GLY A 42 31.39 18.74 -15.68
N ALA A 43 32.26 18.88 -14.68
CA ALA A 43 33.49 18.08 -14.66
C ALA A 43 33.20 16.59 -14.64
N PHE A 44 32.01 16.21 -14.16
CA PHE A 44 31.61 14.81 -14.15
C PHE A 44 31.60 14.20 -15.54
N LEU A 45 31.54 15.03 -16.59
CA LEU A 45 31.60 14.51 -17.95
C LEU A 45 32.94 13.85 -18.24
N LEU A 46 34.02 14.31 -17.57
CA LEU A 46 35.34 13.78 -17.87
C LEU A 46 35.47 12.31 -17.49
N PRO A 47 35.13 11.88 -16.25
CA PRO A 47 35.23 10.44 -15.94
C PRO A 47 34.09 9.64 -16.57
N TYR A 48 32.90 10.24 -16.64
CA TYR A 48 31.73 9.55 -17.17
C TYR A 48 32.03 8.98 -18.56
N THR A 49 32.66 9.78 -19.41
CA THR A 49 33.03 9.28 -20.74
C THR A 49 34.08 8.19 -20.64
N ILE A 50 35.09 8.37 -19.78
CA ILE A 50 36.11 7.34 -19.61
C ILE A 50 35.46 6.02 -19.20
N MET A 51 34.70 6.06 -18.10
CA MET A 51 33.98 4.87 -17.65
C MET A 51 33.06 4.33 -18.74
N ALA A 52 32.64 5.19 -19.66
CA ALA A 52 31.90 4.74 -20.83
C ALA A 52 32.83 3.99 -21.78
N ILE A 53 33.87 4.67 -22.25
CA ILE A 53 34.75 4.12 -23.27
C ILE A 53 35.40 2.83 -22.80
N PHE A 54 35.96 2.84 -21.59
CA PHE A 54 36.66 1.66 -21.09
C PHE A 54 35.72 0.60 -20.52
N GLY A 55 34.53 0.97 -20.07
CA GLY A 55 33.67 0.03 -19.40
C GLY A 55 32.38 -0.32 -20.10
N GLY A 56 31.50 0.66 -20.27
CA GLY A 56 30.18 0.41 -20.84
C GLY A 56 30.21 -0.05 -22.28
N ILE A 57 30.89 0.70 -23.13
CA ILE A 57 30.93 0.38 -24.57
C ILE A 57 31.46 -1.04 -24.86
N PRO A 58 32.58 -1.47 -24.25
CA PRO A 58 33.06 -2.82 -24.58
C PRO A 58 32.09 -3.93 -24.19
N LEU A 59 31.49 -3.84 -23.01
CA LEU A 59 30.50 -4.85 -22.62
C LEU A 59 29.30 -4.82 -23.54
N PHE A 60 28.83 -3.60 -23.86
CA PHE A 60 27.69 -3.42 -24.76
C PHE A 60 27.95 -4.11 -26.09
N TYR A 61 29.05 -3.74 -26.75
CA TYR A 61 29.38 -4.29 -28.06
C TYR A 61 29.74 -5.77 -28.03
N MET A 62 30.34 -6.25 -26.94
CA MET A 62 30.65 -7.67 -26.83
C MET A 62 29.36 -8.49 -26.72
N GLU A 63 28.49 -8.08 -25.79
CA GLU A 63 27.18 -8.70 -25.63
C GLU A 63 26.43 -8.71 -26.95
N LEU A 64 26.36 -7.55 -27.62
CA LEU A 64 25.64 -7.45 -28.89
C LEU A 64 26.23 -8.38 -29.95
N ALA A 65 27.56 -8.43 -30.04
CA ALA A 65 28.22 -9.26 -31.05
C ALA A 65 27.92 -10.74 -30.80
N LEU A 66 28.06 -11.19 -29.55
CA LEU A 66 27.72 -12.56 -29.21
C LEU A 66 26.26 -12.87 -29.53
N GLY A 67 25.36 -11.94 -29.21
CA GLY A 67 23.95 -12.14 -29.49
C GLY A 67 23.67 -12.38 -30.96
N GLN A 68 24.21 -11.50 -31.82
CA GLN A 68 23.94 -11.64 -33.25
C GLN A 68 24.70 -12.80 -33.85
N TYR A 69 25.84 -13.18 -33.27
CA TYR A 69 26.68 -14.22 -33.84
C TYR A 69 26.15 -15.61 -33.54
N HIS A 70 25.82 -15.90 -32.27
CA HIS A 70 25.43 -17.25 -31.86
C HIS A 70 23.93 -17.52 -32.00
N ARG A 71 23.11 -16.46 -32.04
CA ARG A 71 21.66 -16.59 -32.17
C ARG A 71 21.02 -17.50 -31.12
N ASN A 72 21.55 -17.49 -29.90
CA ASN A 72 21.00 -18.33 -28.86
C ASN A 72 20.47 -17.50 -27.70
N GLY A 73 19.65 -18.12 -26.87
CA GLY A 73 19.06 -17.45 -25.72
C GLY A 73 20.07 -17.21 -24.61
N CYS A 74 19.57 -16.71 -23.48
CA CYS A 74 20.44 -16.44 -22.33
C CYS A 74 20.86 -17.71 -21.61
N ILE A 75 20.18 -18.82 -21.86
CA ILE A 75 20.46 -20.09 -21.20
C ILE A 75 21.10 -21.08 -22.16
N SER A 76 20.65 -21.05 -23.42
CA SER A 76 21.10 -21.99 -24.43
C SER A 76 22.46 -21.61 -25.00
N ILE A 77 22.85 -20.34 -24.86
CA ILE A 77 24.13 -19.88 -25.39
C ILE A 77 25.27 -20.39 -24.51
N TRP A 78 24.98 -20.63 -23.23
CA TRP A 78 26.00 -21.13 -22.32
C TRP A 78 26.25 -22.61 -22.55
N ARG A 79 25.24 -23.31 -23.11
CA ARG A 79 25.41 -24.70 -23.48
C ARG A 79 26.49 -24.84 -24.54
N LYS A 80 26.61 -23.83 -25.43
CA LYS A 80 27.56 -23.86 -26.53
C LYS A 80 28.78 -22.98 -26.28
N ILE A 81 28.95 -22.47 -25.04
CA ILE A 81 30.14 -21.69 -24.70
C ILE A 81 30.80 -22.34 -23.48
N CYS A 82 30.17 -22.20 -22.31
CA CYS A 82 30.69 -22.81 -21.09
C CYS A 82 29.52 -23.38 -20.28
N PRO A 83 29.19 -24.65 -20.50
CA PRO A 83 28.00 -25.23 -19.86
C PRO A 83 27.93 -25.00 -18.36
N ILE A 84 29.05 -25.03 -17.64
CA ILE A 84 29.02 -24.85 -16.17
C ILE A 84 28.41 -23.51 -15.80
N PHE A 85 28.55 -22.50 -16.66
CA PHE A 85 28.02 -21.17 -16.39
C PHE A 85 26.61 -20.98 -16.93
N LYS A 86 25.95 -22.08 -17.30
CA LYS A 86 24.58 -22.04 -17.77
C LYS A 86 23.68 -21.38 -16.74
N GLY A 87 23.96 -21.60 -15.44
CA GLY A 87 23.20 -20.96 -14.38
C GLY A 87 23.11 -19.45 -14.50
N ILE A 88 24.10 -18.82 -15.16
CA ILE A 88 24.01 -17.38 -15.43
C ILE A 88 22.66 -17.07 -16.09
N GLY A 89 22.34 -17.80 -17.17
CA GLY A 89 21.07 -17.59 -17.85
C GLY A 89 19.89 -17.71 -16.91
N TYR A 90 20.00 -18.58 -15.90
CA TYR A 90 18.92 -18.70 -14.92
C TYR A 90 18.90 -17.49 -14.00
N ALA A 91 20.09 -17.05 -13.54
CA ALA A 91 20.18 -15.93 -12.60
C ALA A 91 19.45 -14.71 -13.12
N ILE A 92 19.76 -14.31 -14.36
CA ILE A 92 19.08 -13.19 -14.98
C ILE A 92 17.57 -13.36 -14.90
N CYS A 93 17.07 -14.57 -15.20
CA CYS A 93 15.64 -14.81 -15.16
C CYS A 93 15.06 -14.45 -13.79
N ILE A 94 15.81 -14.69 -12.72
CA ILE A 94 15.32 -14.30 -11.40
C ILE A 94 15.47 -12.79 -11.22
N ILE A 95 16.65 -12.26 -11.57
CA ILE A 95 16.93 -10.84 -11.42
C ILE A 95 15.83 -10.02 -12.07
N ALA A 96 15.56 -10.28 -13.35
CA ALA A 96 14.51 -9.58 -14.10
C ALA A 96 13.20 -9.57 -13.32
N PHE A 97 12.84 -10.70 -12.73
CA PHE A 97 11.61 -10.77 -11.95
C PHE A 97 11.59 -9.71 -10.85
N TYR A 98 12.65 -9.67 -10.04
CA TYR A 98 12.72 -8.66 -8.98
C TYR A 98 12.59 -7.25 -9.55
N ILE A 99 13.14 -7.03 -10.73
CA ILE A 99 13.05 -5.70 -11.34
C ILE A 99 11.62 -5.44 -11.78
N ALA A 100 10.97 -6.45 -12.31
CA ALA A 100 9.65 -6.20 -12.86
C ALA A 100 8.63 -6.05 -11.75
N SER A 101 9.08 -6.17 -10.50
CA SER A 101 8.12 -6.02 -9.42
C SER A 101 7.95 -4.54 -9.09
N TYR A 102 8.99 -3.72 -9.31
CA TYR A 102 8.88 -2.31 -8.96
C TYR A 102 8.97 -1.34 -10.13
N TYR A 103 9.66 -1.72 -11.21
CA TYR A 103 9.92 -0.77 -12.28
C TYR A 103 8.62 -0.29 -12.93
N ASN A 104 7.63 -1.16 -13.03
CA ASN A 104 6.37 -0.79 -13.67
C ASN A 104 5.39 -0.14 -12.72
N THR A 105 5.61 -0.26 -11.40
CA THR A 105 4.71 0.42 -10.47
C THR A 105 4.96 1.92 -10.55
N ILE A 106 6.20 2.28 -10.88
CA ILE A 106 6.52 3.68 -11.09
C ILE A 106 5.75 4.18 -12.30
N MET A 107 5.74 3.39 -13.37
CA MET A 107 4.94 3.72 -14.55
C MET A 107 3.47 3.75 -14.19
N ALA A 108 3.07 2.99 -13.16
CA ALA A 108 1.68 3.03 -12.73
C ALA A 108 1.38 4.37 -12.04
N TRP A 109 2.35 4.88 -11.27
CA TRP A 109 2.18 6.20 -10.68
C TRP A 109 2.05 7.24 -11.78
N ALA A 110 2.96 7.21 -12.74
CA ALA A 110 2.88 8.16 -13.84
C ALA A 110 1.58 7.97 -14.60
N LEU A 111 1.04 6.76 -14.60
CA LEU A 111 -0.23 6.55 -15.29
C LEU A 111 -1.38 7.08 -14.46
N TYR A 112 -1.30 6.92 -13.15
CA TYR A 112 -2.33 7.45 -12.27
C TYR A 112 -2.35 8.97 -12.34
N TYR A 113 -1.17 9.58 -12.41
CA TYR A 113 -1.11 11.02 -12.63
C TYR A 113 -1.70 11.40 -13.99
N LEU A 114 -1.38 10.61 -15.02
CA LEU A 114 -1.83 10.94 -16.37
C LEU A 114 -3.34 10.97 -16.48
N ILE A 115 -4.01 9.97 -15.91
CA ILE A 115 -5.46 9.95 -16.00
C ILE A 115 -6.06 10.94 -15.02
N SER A 116 -5.30 11.32 -14.00
CA SER A 116 -5.76 12.32 -13.06
C SER A 116 -5.39 13.72 -13.53
N SER A 117 -4.79 13.84 -14.72
CA SER A 117 -4.37 15.13 -15.24
C SER A 117 -5.31 15.69 -16.31
N PHE A 118 -6.43 15.02 -16.57
CA PHE A 118 -7.38 15.44 -17.59
C PHE A 118 -8.34 16.52 -17.10
N THR A 119 -8.40 16.78 -15.80
CA THR A 119 -9.26 17.81 -15.25
C THR A 119 -8.72 19.21 -15.54
N ASP A 120 -9.66 20.15 -15.71
CA ASP A 120 -9.28 21.55 -16.00
C ASP A 120 -8.45 22.14 -14.86
N GLN A 121 -8.80 21.82 -13.62
CA GLN A 121 -8.03 22.26 -12.46
C GLN A 121 -7.33 21.03 -11.90
N LEU A 122 -6.00 21.05 -11.97
CA LEU A 122 -5.19 19.91 -11.57
C LEU A 122 -5.30 19.65 -10.06
N PRO A 123 -5.42 18.39 -9.66
CA PRO A 123 -5.65 18.08 -8.24
C PRO A 123 -4.56 18.60 -7.31
N TRP A 124 -3.29 18.56 -7.72
CA TRP A 124 -2.22 18.94 -6.82
C TRP A 124 -1.97 20.45 -6.79
N THR A 125 -2.96 21.26 -7.15
CA THR A 125 -2.87 22.71 -7.09
C THR A 125 -3.53 23.26 -5.83
N SER A 126 -4.73 22.80 -5.51
CA SER A 126 -5.46 23.26 -4.35
C SER A 126 -5.23 22.32 -3.16
N CYS A 127 -5.62 22.80 -1.98
CA CYS A 127 -5.53 22.03 -0.75
C CYS A 127 -6.89 21.57 -0.27
N LYS A 128 -7.97 22.03 -0.92
CA LYS A 128 -9.34 21.69 -0.55
C LYS A 128 -9.74 20.35 -1.18
N ASN A 129 -9.05 19.30 -0.77
CA ASN A 129 -9.30 17.96 -1.25
C ASN A 129 -9.63 17.04 -0.08
N SER A 130 -9.81 15.76 -0.38
CA SER A 130 -10.22 14.79 0.61
C SER A 130 -9.03 14.10 1.29
N TRP A 131 -7.81 14.41 0.84
CA TRP A 131 -6.60 13.78 1.34
C TRP A 131 -5.64 14.76 2.03
N ASN A 132 -5.83 16.07 1.87
CA ASN A 132 -4.92 17.04 2.47
C ASN A 132 -5.14 17.16 3.97
N THR A 133 -4.06 17.44 4.69
CA THR A 133 -4.09 17.68 6.13
C THR A 133 -4.31 19.16 6.42
N GLY A 134 -4.16 19.54 7.69
CA GLY A 134 -4.18 20.93 8.05
C GLY A 134 -2.86 21.63 7.85
N ASN A 135 -1.82 20.85 7.54
CA ASN A 135 -0.52 21.43 7.25
C ASN A 135 -0.43 21.93 5.81
N CYS A 136 -1.34 21.49 4.94
CA CYS A 136 -1.31 21.85 3.53
C CYS A 136 -1.40 23.35 3.30
N THR A 137 -0.33 23.95 2.78
CA THR A 137 -0.28 25.38 2.48
C THR A 137 0.17 25.52 1.02
N ASN A 138 -0.58 26.28 0.24
CA ASN A 138 -0.43 26.31 -1.20
C ASN A 138 -0.37 27.75 -1.67
N TYR A 139 -0.09 27.93 -2.97
CA TYR A 139 0.05 29.26 -3.54
C TYR A 139 -1.27 29.70 -4.17
N PHE A 140 -1.24 30.89 -4.77
CA PHE A 140 -2.44 31.67 -5.09
C PHE A 140 -3.15 32.00 -3.77
N SER A 141 -2.34 32.02 -2.72
CA SER A 141 -2.70 32.28 -1.34
C SER A 141 -1.77 33.36 -0.79
N GLU A 142 -2.09 33.88 0.27
CA GLU A 142 -1.47 35.06 0.83
C GLU A 142 0.04 34.91 0.82
N ASP A 143 0.75 36.00 0.48
CA ASP A 143 2.20 36.04 0.26
C ASP A 143 2.76 36.18 1.69
N ASN A 144 4.03 36.54 1.91
CA ASN A 144 4.66 36.52 3.24
C ASN A 144 4.76 35.18 3.96
N ILE A 145 4.18 34.09 3.44
CA ILE A 145 4.16 32.84 4.20
C ILE A 145 5.57 32.43 4.62
N THR A 146 5.70 31.83 5.80
CA THR A 146 7.01 31.46 6.33
C THR A 146 6.90 29.97 6.67
N TRP A 147 7.32 29.00 5.89
CA TRP A 147 7.13 27.55 5.99
C TRP A 147 7.60 27.02 7.33
N THR A 148 6.89 26.01 7.82
CA THR A 148 7.12 25.39 9.12
C THR A 148 7.59 23.95 8.96
N LEU A 149 8.38 23.48 9.93
CA LEU A 149 8.82 22.08 9.94
C LEU A 149 7.68 21.10 9.67
N HIS A 150 6.48 21.39 10.16
CA HIS A 150 5.39 20.45 9.99
C HIS A 150 4.55 20.74 8.76
N SER A 151 4.71 21.91 8.15
CA SER A 151 3.93 22.27 6.98
C SER A 151 4.28 21.38 5.79
N THR A 152 3.33 21.23 4.86
CA THR A 152 3.50 20.37 3.71
C THR A 152 2.80 20.97 2.49
N SER A 153 3.45 20.88 1.33
CA SER A 153 2.96 21.40 0.05
C SER A 153 1.89 20.50 -0.56
N PRO A 154 0.98 21.07 -1.35
CA PRO A 154 -0.09 20.25 -1.96
C PRO A 154 0.42 19.15 -2.88
N ALA A 155 1.60 19.29 -3.47
CA ALA A 155 2.15 18.24 -4.31
C ALA A 155 2.69 17.10 -3.45
N GLU A 156 3.41 17.46 -2.39
CA GLU A 156 3.90 16.46 -1.45
C GLU A 156 2.73 15.78 -0.75
N GLU A 157 1.69 16.55 -0.45
CA GLU A 157 0.50 15.96 0.16
C GLU A 157 -0.20 15.01 -0.81
N PHE A 158 -0.27 15.39 -2.10
CA PHE A 158 -0.93 14.53 -3.08
C PHE A 158 -0.15 13.25 -3.31
N TYR A 159 1.17 13.36 -3.49
CA TYR A 159 1.98 12.17 -3.74
C TYR A 159 2.03 11.28 -2.50
N THR A 160 2.01 11.87 -1.31
CA THR A 160 2.19 11.11 -0.08
C THR A 160 0.89 10.42 0.33
N ARG A 161 -0.22 11.16 0.36
CA ARG A 161 -1.45 10.67 0.96
C ARG A 161 -2.45 10.09 -0.02
N HIS A 162 -2.17 10.14 -1.33
CA HIS A 162 -3.14 9.69 -2.33
C HIS A 162 -2.59 8.61 -3.25
N VAL A 163 -1.72 8.95 -4.20
CA VAL A 163 -1.22 7.98 -5.17
C VAL A 163 -0.40 6.90 -4.47
N LEU A 164 0.27 7.24 -3.38
CA LEU A 164 1.03 6.29 -2.59
C LEU A 164 0.27 5.83 -1.35
N GLN A 165 -0.38 6.77 -0.65
CA GLN A 165 -1.05 6.51 0.62
C GLN A 165 -0.04 5.91 1.60
N ILE A 166 1.18 6.46 1.54
CA ILE A 166 2.28 5.92 2.30
C ILE A 166 2.15 6.26 3.78
N HIS A 167 1.28 7.21 4.12
CA HIS A 167 1.06 7.54 5.52
C HIS A 167 0.28 6.45 6.23
N ARG A 168 -0.29 5.51 5.50
CA ARG A 168 -1.11 4.45 6.06
C ARG A 168 -0.28 3.21 6.38
N SER A 169 1.04 3.30 6.17
CA SER A 169 1.98 2.22 6.46
C SER A 169 3.11 2.77 7.30
N LYS A 170 3.63 1.93 8.20
CA LYS A 170 4.71 2.33 9.08
C LYS A 170 6.11 1.97 8.56
N GLY A 171 6.22 1.31 7.42
CA GLY A 171 7.54 0.95 6.92
C GLY A 171 7.56 -0.44 6.30
N LEU A 172 8.72 -1.09 6.31
CA LEU A 172 8.79 -2.43 5.75
C LEU A 172 7.97 -3.42 6.59
N GLN A 173 7.94 -3.22 7.90
CA GLN A 173 7.18 -4.10 8.79
C GLN A 173 5.71 -4.16 8.41
N ASP A 174 5.02 -3.02 8.45
CA ASP A 174 3.62 -2.94 8.05
C ASP A 174 3.42 -2.06 6.83
N LEU A 175 3.10 -2.69 5.71
CA LEU A 175 2.93 -2.00 4.43
C LEU A 175 1.57 -2.27 3.78
N GLY A 176 0.91 -3.38 4.12
CA GLY A 176 -0.40 -3.68 3.56
C GLY A 176 -1.45 -2.68 4.01
N GLY A 177 -2.58 -2.65 3.28
CA GLY A 177 -2.86 -3.56 2.18
C GLY A 177 -2.51 -3.00 0.82
N ILE A 178 -3.35 -3.26 -0.18
CA ILE A 178 -3.05 -2.94 -1.58
C ILE A 178 -3.92 -1.77 -2.03
N SER A 179 -3.30 -0.84 -2.75
CA SER A 179 -4.03 0.25 -3.41
C SER A 179 -4.52 -0.22 -4.77
N TRP A 180 -5.83 -0.46 -4.88
CA TRP A 180 -6.37 -1.04 -6.11
C TRP A 180 -6.20 -0.10 -7.31
N GLN A 181 -6.08 1.21 -7.09
CA GLN A 181 -5.86 2.10 -8.23
C GLN A 181 -4.54 1.82 -8.92
N LEU A 182 -3.46 1.71 -8.14
CA LEU A 182 -2.18 1.39 -8.73
C LEU A 182 -2.17 -0.03 -9.28
N ALA A 183 -3.02 -0.90 -8.75
CA ALA A 183 -3.13 -2.26 -9.29
C ALA A 183 -3.78 -2.24 -10.66
N LEU A 184 -4.79 -1.39 -10.84
CA LEU A 184 -5.43 -1.25 -12.14
C LEU A 184 -4.51 -0.51 -13.12
N CYS A 185 -3.76 0.48 -12.62
CA CYS A 185 -2.80 1.17 -13.47
C CYS A 185 -1.75 0.20 -13.99
N ILE A 186 -1.12 -0.55 -13.08
CA ILE A 186 -0.06 -1.47 -13.47
C ILE A 186 -0.66 -2.64 -14.24
N MET A 187 -1.95 -2.92 -14.04
CA MET A 187 -2.62 -3.94 -14.84
C MET A 187 -2.75 -3.46 -16.28
N LEU A 188 -3.15 -2.20 -16.46
CA LEU A 188 -3.21 -1.60 -17.78
C LEU A 188 -1.81 -1.58 -18.42
N ILE A 189 -0.79 -1.38 -17.61
CA ILE A 189 0.59 -1.38 -18.12
C ILE A 189 0.95 -2.78 -18.61
N PHE A 190 0.65 -3.81 -17.81
CA PHE A 190 0.91 -5.18 -18.22
C PHE A 190 0.09 -5.56 -19.44
N THR A 191 -1.04 -4.88 -19.64
CA THR A 191 -1.84 -5.08 -20.85
C THR A 191 -1.15 -4.44 -22.05
N VAL A 192 -0.65 -3.21 -21.88
CA VAL A 192 -0.07 -2.49 -23.00
C VAL A 192 1.30 -3.08 -23.35
N ILE A 193 1.89 -3.84 -22.44
CA ILE A 193 3.10 -4.57 -22.78
C ILE A 193 2.68 -5.94 -23.30
N TYR A 194 1.52 -6.43 -22.85
CA TYR A 194 0.99 -7.69 -23.33
C TYR A 194 0.71 -7.63 -24.83
N PHE A 195 0.11 -6.54 -25.31
CA PHE A 195 -0.17 -6.45 -26.74
C PHE A 195 1.04 -5.94 -27.52
N SER A 196 2.17 -5.75 -26.86
CA SER A 196 3.37 -5.27 -27.51
C SER A 196 4.51 -6.29 -27.42
N ILE A 197 4.30 -7.40 -26.73
CA ILE A 197 5.35 -8.40 -26.54
C ILE A 197 4.83 -9.77 -26.97
N TRP A 198 3.53 -10.01 -26.78
CA TRP A 198 2.93 -11.34 -26.95
C TRP A 198 3.26 -11.94 -28.31
N LYS A 199 3.34 -11.10 -29.35
CA LYS A 199 3.61 -11.58 -30.69
C LYS A 199 5.10 -11.80 -30.90
N GLY A 200 5.94 -11.02 -30.21
CA GLY A 200 7.37 -11.24 -30.29
C GLY A 200 8.14 -9.99 -30.63
N VAL A 201 9.12 -10.11 -31.52
CA VAL A 201 9.96 -8.96 -31.81
C VAL A 201 9.26 -8.01 -32.78
N LYS A 202 8.30 -8.49 -33.56
CA LYS A 202 7.61 -7.63 -34.53
C LYS A 202 6.78 -6.57 -33.83
N THR A 203 6.08 -6.94 -32.75
CA THR A 203 5.26 -5.95 -32.08
C THR A 203 6.11 -5.07 -31.19
N SER A 204 7.04 -5.63 -30.42
CA SER A 204 7.87 -4.77 -29.60
C SER A 204 8.60 -3.78 -30.50
N GLY A 205 9.17 -4.29 -31.60
CA GLY A 205 9.86 -3.50 -32.60
C GLY A 205 9.00 -2.48 -33.32
N LYS A 206 7.68 -2.59 -33.21
CA LYS A 206 6.78 -1.65 -33.88
C LYS A 206 6.21 -0.63 -32.89
N VAL A 207 6.00 -1.06 -31.65
CA VAL A 207 5.59 -0.17 -30.58
C VAL A 207 6.75 0.74 -30.22
N VAL A 208 7.98 0.22 -30.34
CA VAL A 208 9.18 0.99 -30.05
C VAL A 208 9.25 2.24 -30.90
N TRP A 209 8.74 2.20 -32.15
CA TRP A 209 8.68 3.42 -32.94
C TRP A 209 8.08 4.57 -32.15
N VAL A 210 7.07 4.29 -31.34
CA VAL A 210 6.44 5.32 -30.51
C VAL A 210 7.11 5.44 -29.15
N THR A 211 7.40 4.32 -28.49
CA THR A 211 7.89 4.37 -27.12
C THR A 211 9.32 4.89 -26.99
N ALA A 212 10.06 5.01 -28.09
CA ALA A 212 11.46 5.44 -28.01
C ALA A 212 11.69 6.81 -28.60
N THR A 213 10.76 7.32 -29.41
CA THR A 213 10.86 8.60 -30.09
C THR A 213 10.10 9.69 -29.34
N PHE A 214 8.93 9.36 -28.79
CA PHE A 214 8.15 10.34 -28.05
C PHE A 214 8.89 10.95 -26.88
N PRO A 215 9.68 10.22 -26.08
CA PRO A 215 10.38 10.90 -24.98
C PRO A 215 11.22 12.06 -25.45
N TYR A 216 11.82 11.98 -26.65
CA TYR A 216 12.57 13.12 -27.12
C TYR A 216 11.64 14.29 -27.43
N ILE A 217 10.44 13.99 -27.92
CA ILE A 217 9.46 15.04 -28.19
C ILE A 217 9.01 15.72 -26.90
N ALA A 218 8.60 14.93 -25.89
CA ALA A 218 8.16 15.51 -24.62
C ALA A 218 9.30 16.26 -23.94
N LEU A 219 10.52 15.71 -24.04
CA LEU A 219 11.70 16.37 -23.49
C LEU A 219 12.00 17.64 -24.26
N SER A 220 11.65 17.66 -25.55
CA SER A 220 11.86 18.86 -26.36
C SER A 220 10.84 19.93 -26.00
N VAL A 221 9.59 19.54 -25.75
CA VAL A 221 8.58 20.51 -25.37
C VAL A 221 8.88 21.08 -24.00
N LEU A 222 9.23 20.21 -23.05
CA LEU A 222 9.61 20.68 -21.72
C LEU A 222 10.97 21.36 -21.75
N LEU A 223 11.77 21.11 -22.80
CA LEU A 223 13.07 21.75 -22.93
C LEU A 223 12.92 23.19 -23.41
N VAL A 224 12.20 23.39 -24.52
CA VAL A 224 11.98 24.73 -25.01
C VAL A 224 11.04 25.48 -24.07
N ARG A 225 10.23 24.75 -23.32
CA ARG A 225 9.36 25.39 -22.32
C ARG A 225 10.18 25.83 -21.12
N GLY A 226 11.00 24.94 -20.59
CA GLY A 226 11.83 25.24 -19.45
C GLY A 226 12.90 26.27 -19.74
N ALA A 227 13.31 26.40 -21.00
CA ALA A 227 14.34 27.37 -21.37
C ALA A 227 13.78 28.79 -21.36
N THR A 228 12.51 28.96 -21.70
CA THR A 228 11.89 30.28 -21.76
C THR A 228 11.46 30.78 -20.38
N LEU A 229 11.60 29.97 -19.34
CA LEU A 229 11.19 30.36 -17.99
C LEU A 229 12.19 31.34 -17.40
N PRO A 230 11.72 32.33 -16.66
CA PRO A 230 12.62 33.32 -16.05
C PRO A 230 13.45 32.74 -14.93
N GLY A 231 14.74 33.10 -14.93
CA GLY A 231 15.68 32.62 -13.92
C GLY A 231 15.99 31.13 -14.00
N ALA A 232 15.98 30.56 -15.20
CA ALA A 232 16.25 29.15 -15.39
C ALA A 232 17.74 28.87 -15.48
N TRP A 233 18.57 29.92 -15.54
CA TRP A 233 20.00 29.77 -15.65
C TRP A 233 20.61 29.30 -14.35
N ARG A 234 19.85 29.38 -13.24
CA ARG A 234 20.36 28.94 -11.95
C ARG A 234 20.50 27.44 -11.93
N GLY A 235 19.49 26.73 -12.46
CA GLY A 235 19.56 25.29 -12.52
C GLY A 235 20.64 24.82 -13.47
N VAL A 236 20.87 25.58 -14.56
CA VAL A 236 21.93 25.23 -15.49
C VAL A 236 23.28 25.50 -14.85
N LEU A 237 23.40 26.60 -14.11
CA LEU A 237 24.65 26.87 -13.40
C LEU A 237 24.96 25.74 -12.42
N PHE A 238 24.00 25.39 -11.57
CA PHE A 238 24.19 24.30 -10.63
C PHE A 238 24.36 22.97 -11.35
N TYR A 239 23.90 22.88 -12.59
CA TYR A 239 23.92 21.63 -13.33
C TYR A 239 25.27 21.40 -14.03
N LEU A 240 25.91 22.47 -14.50
CA LEU A 240 27.16 22.36 -15.27
C LEU A 240 28.32 23.12 -14.67
N LYS A 241 28.20 23.68 -13.47
CA LYS A 241 29.34 24.38 -12.87
C LYS A 241 30.45 23.40 -12.52
N PRO A 242 31.64 23.55 -13.11
CA PRO A 242 32.74 22.59 -12.84
C PRO A 242 33.29 22.77 -11.44
N ASN A 243 33.29 21.69 -10.67
CA ASN A 243 33.91 21.66 -9.34
C ASN A 243 34.94 20.53 -9.36
N TRP A 244 36.10 20.82 -9.95
CA TRP A 244 37.11 19.80 -10.20
C TRP A 244 37.65 19.17 -8.92
N GLN A 245 37.56 19.85 -7.78
CA GLN A 245 38.02 19.25 -6.53
C GLN A 245 37.27 17.97 -6.19
N LYS A 246 35.97 17.91 -6.50
CA LYS A 246 35.20 16.68 -6.27
C LYS A 246 35.74 15.52 -7.11
N LEU A 247 36.51 15.81 -8.16
CA LEU A 247 37.09 14.76 -8.97
C LEU A 247 38.25 14.07 -8.27
N LEU A 248 38.79 14.66 -7.19
CA LEU A 248 39.86 14.01 -6.44
C LEU A 248 39.34 12.91 -5.54
N GLU A 249 38.05 12.94 -5.23
CA GLU A 249 37.40 11.90 -4.44
C GLU A 249 37.32 10.59 -5.20
N THR A 250 37.73 9.51 -4.54
CA THR A 250 37.73 8.21 -5.22
C THR A 250 36.31 7.69 -5.37
N GLY A 251 35.35 8.31 -4.68
CA GLY A 251 33.96 7.95 -4.84
C GLY A 251 33.39 8.33 -6.20
N VAL A 252 33.72 9.53 -6.71
CA VAL A 252 33.01 10.05 -7.87
C VAL A 252 33.17 9.10 -9.05
N TRP A 253 34.39 8.58 -9.24
CA TRP A 253 34.64 7.72 -10.38
C TRP A 253 33.75 6.50 -10.27
N ILE A 254 33.60 6.01 -9.04
CA ILE A 254 32.76 4.85 -8.78
C ILE A 254 31.33 5.17 -9.20
N ASP A 255 30.85 6.37 -8.86
CA ASP A 255 29.48 6.75 -9.20
C ASP A 255 29.31 6.78 -10.71
N ALA A 256 30.32 7.30 -11.41
CA ALA A 256 30.26 7.41 -12.87
C ALA A 256 30.24 6.03 -13.51
N ALA A 257 31.12 5.14 -13.04
CA ALA A 257 31.17 3.77 -13.56
C ALA A 257 29.83 3.06 -13.35
N ALA A 258 29.31 3.11 -12.13
CA ALA A 258 28.01 2.50 -11.87
C ALA A 258 26.93 3.10 -12.75
N GLN A 259 26.97 4.42 -12.93
CA GLN A 259 25.96 5.09 -13.75
C GLN A 259 26.00 4.59 -15.19
N ILE A 260 27.17 4.64 -15.83
CA ILE A 260 27.26 4.26 -17.24
C ILE A 260 26.93 2.77 -17.41
N PHE A 261 27.35 1.93 -16.46
CA PHE A 261 27.01 0.51 -16.55
C PHE A 261 25.50 0.32 -16.49
N PHE A 262 24.87 0.86 -15.44
CA PHE A 262 23.45 0.67 -15.21
C PHE A 262 22.58 1.52 -16.13
N SER A 263 23.20 2.31 -17.01
CA SER A 263 22.47 3.02 -18.05
C SER A 263 22.66 2.42 -19.42
N LEU A 264 23.69 1.60 -19.61
CA LEU A 264 23.87 0.81 -20.83
C LEU A 264 23.35 -0.61 -20.65
N GLY A 265 23.38 -1.09 -19.42
CA GLY A 265 22.91 -2.40 -19.00
C GLY A 265 23.35 -3.60 -19.85
N PRO A 266 24.65 -3.80 -19.96
CA PRO A 266 25.17 -4.95 -20.70
C PRO A 266 25.15 -6.20 -19.83
N GLY A 267 25.22 -7.36 -20.50
CA GLY A 267 25.29 -8.65 -19.84
C GLY A 267 24.05 -9.03 -19.07
N PHE A 268 22.90 -8.44 -19.41
CA PHE A 268 21.63 -8.74 -18.79
C PHE A 268 20.80 -9.68 -19.66
N GLY A 269 21.29 -9.99 -20.86
CA GLY A 269 20.62 -10.90 -21.74
C GLY A 269 19.60 -10.22 -22.63
N VAL A 270 19.28 -8.95 -22.35
CA VAL A 270 18.34 -8.23 -23.20
C VAL A 270 19.00 -7.90 -24.53
N LEU A 271 20.22 -7.36 -24.48
CA LEU A 271 20.97 -7.11 -25.71
C LEU A 271 21.24 -8.41 -26.47
N LEU A 272 21.48 -9.50 -25.75
CA LEU A 272 21.65 -10.80 -26.40
C LEU A 272 20.42 -11.15 -27.23
N ALA A 273 19.23 -11.00 -26.65
CA ALA A 273 18.01 -11.34 -27.37
C ALA A 273 17.75 -10.35 -28.51
N PHE A 274 17.91 -9.05 -28.25
CA PHE A 274 17.72 -8.06 -29.30
C PHE A 274 18.72 -8.22 -30.44
N ALA A 275 19.92 -8.73 -30.15
CA ALA A 275 20.92 -8.94 -31.18
C ALA A 275 20.76 -10.26 -31.92
N SER A 276 20.12 -11.23 -31.28
CA SER A 276 19.95 -12.57 -31.85
C SER A 276 19.14 -12.54 -33.14
N TYR A 277 18.12 -11.69 -33.23
CA TYR A 277 17.23 -11.66 -34.39
C TYR A 277 17.72 -10.67 -35.45
N ASN A 278 18.96 -10.84 -35.89
CA ASN A 278 19.51 -9.94 -36.91
C ASN A 278 20.34 -10.75 -37.91
N LYS A 279 20.74 -10.07 -38.98
CA LYS A 279 21.50 -10.69 -40.05
C LYS A 279 22.96 -10.95 -39.67
N PHE A 280 23.46 -12.13 -40.06
CA PHE A 280 24.86 -12.47 -39.79
C PHE A 280 25.80 -11.55 -40.56
N ASN A 281 25.41 -11.15 -41.77
CA ASN A 281 26.21 -10.27 -42.60
C ASN A 281 26.14 -8.83 -42.08
N ASN A 282 25.09 -8.52 -41.34
CA ASN A 282 24.81 -7.16 -40.90
C ASN A 282 25.85 -6.68 -39.91
N ASN A 283 26.30 -5.45 -40.11
CA ASN A 283 27.26 -4.86 -39.19
C ASN A 283 26.61 -4.55 -37.86
N CYS A 284 27.40 -4.64 -36.79
CA CYS A 284 26.93 -4.37 -35.44
C CYS A 284 27.86 -3.44 -34.67
N TYR A 285 29.08 -3.23 -35.15
CA TYR A 285 30.02 -2.34 -34.49
C TYR A 285 29.42 -0.93 -34.47
N GLN A 286 29.10 -0.40 -35.65
CA GLN A 286 28.45 0.89 -35.76
C GLN A 286 27.17 0.93 -34.94
N ASP A 287 26.38 -0.15 -34.98
CA ASP A 287 25.17 -0.26 -34.19
C ASP A 287 25.43 0.03 -32.70
N ALA A 288 26.32 -0.75 -32.07
CA ALA A 288 26.61 -0.57 -30.65
C ALA A 288 27.15 0.84 -30.38
N LEU A 289 28.08 1.29 -31.21
CA LEU A 289 28.69 2.61 -31.07
C LEU A 289 27.64 3.71 -31.05
N VAL A 290 26.86 3.81 -32.13
CA VAL A 290 25.85 4.86 -32.20
C VAL A 290 24.85 4.70 -31.05
N THR A 291 24.42 3.47 -30.76
CA THR A 291 23.34 3.31 -29.80
C THR A 291 23.77 3.90 -28.46
N SER A 292 24.99 3.57 -28.04
CA SER A 292 25.45 4.10 -26.76
C SER A 292 25.52 5.61 -26.84
N VAL A 293 26.07 6.14 -27.95
CA VAL A 293 26.30 7.59 -28.00
C VAL A 293 24.97 8.34 -27.95
N VAL A 294 23.88 7.66 -28.34
CA VAL A 294 22.55 8.23 -28.17
C VAL A 294 22.14 8.20 -26.71
N ASN A 295 22.31 7.06 -26.05
CA ASN A 295 21.93 7.00 -24.62
C ASN A 295 22.66 8.05 -23.78
N CYS A 296 23.97 8.24 -24.03
CA CYS A 296 24.73 9.26 -23.32
C CYS A 296 24.31 10.69 -23.67
N MET A 297 24.19 11.02 -24.96
CA MET A 297 23.83 12.41 -25.26
C MET A 297 22.39 12.69 -24.82
N THR A 298 21.49 11.74 -25.02
CA THR A 298 20.11 11.88 -24.56
C THR A 298 20.08 12.23 -23.07
N SER A 299 20.91 11.54 -22.28
CA SER A 299 21.03 11.91 -20.87
C SER A 299 21.50 13.35 -20.71
N PHE A 300 22.49 13.74 -21.52
CA PHE A 300 23.07 15.09 -21.41
C PHE A 300 22.01 16.18 -21.62
N VAL A 301 21.18 16.04 -22.66
CA VAL A 301 20.15 17.05 -22.89
C VAL A 301 19.02 16.93 -21.87
N SER A 302 18.76 15.70 -21.39
CA SER A 302 17.75 15.52 -20.35
C SER A 302 18.13 16.30 -19.11
N GLY A 303 19.43 16.41 -18.83
CA GLY A 303 19.89 17.26 -17.73
C GLY A 303 19.33 18.66 -17.83
N PHE A 304 19.43 19.26 -19.02
CA PHE A 304 18.84 20.58 -19.23
C PHE A 304 17.34 20.54 -19.03
N VAL A 305 16.67 19.53 -19.60
CA VAL A 305 15.21 19.46 -19.47
C VAL A 305 14.79 19.51 -18.00
N ILE A 306 15.54 18.84 -17.12
CA ILE A 306 15.19 18.86 -15.70
C ILE A 306 15.61 20.16 -15.03
N PHE A 307 16.88 20.53 -15.18
CA PHE A 307 17.43 21.63 -14.39
C PHE A 307 16.99 23.01 -14.89
N THR A 308 16.38 23.10 -16.07
CA THR A 308 15.78 24.36 -16.48
C THR A 308 14.53 24.62 -15.68
N VAL A 309 13.66 23.60 -15.57
CA VAL A 309 12.44 23.73 -14.79
C VAL A 309 12.77 23.83 -13.31
N LEU A 310 13.81 23.12 -12.87
CA LEU A 310 14.28 23.25 -11.49
C LEU A 310 14.88 24.62 -11.25
N GLY A 311 15.48 25.23 -12.28
CA GLY A 311 16.01 26.57 -12.13
C GLY A 311 14.91 27.60 -12.00
N TYR A 312 13.87 27.46 -12.82
CA TYR A 312 12.69 28.32 -12.69
C TYR A 312 12.02 28.13 -11.34
N MET A 313 11.96 26.88 -10.88
CA MET A 313 11.39 26.61 -9.57
C MET A 313 12.24 27.21 -8.46
N ALA A 314 13.56 27.22 -8.64
CA ALA A 314 14.45 27.84 -7.66
C ALA A 314 14.44 29.35 -7.76
N GLU A 315 13.90 29.90 -8.85
CA GLU A 315 13.78 31.35 -8.98
C GLU A 315 12.52 31.82 -8.29
N MET A 316 11.41 31.10 -8.50
CA MET A 316 10.17 31.47 -7.82
C MET A 316 10.30 31.27 -6.31
N ARG A 317 11.07 30.28 -5.87
CA ARG A 317 11.41 30.12 -4.46
C ARG A 317 12.65 30.96 -4.18
N ASN A 318 13.68 30.44 -3.49
CA ASN A 318 14.86 31.26 -3.28
C ASN A 318 16.19 30.52 -3.49
N GLU A 319 16.45 30.14 -4.74
CA GLU A 319 17.79 29.78 -5.21
C GLU A 319 18.55 28.67 -4.49
N ASP A 320 19.82 28.56 -4.83
CA ASP A 320 20.71 27.47 -4.43
C ASP A 320 20.10 26.12 -4.79
N VAL A 321 19.93 25.90 -6.10
CA VAL A 321 18.96 24.95 -6.64
C VAL A 321 19.12 23.62 -5.90
N SER A 322 20.31 23.41 -5.31
CA SER A 322 20.56 22.14 -4.65
C SER A 322 19.50 21.89 -3.58
N GLU A 323 19.11 22.93 -2.83
CA GLU A 323 18.09 22.77 -1.80
C GLU A 323 16.76 22.32 -2.40
N VAL A 324 16.35 22.94 -3.52
CA VAL A 324 15.12 22.49 -4.17
C VAL A 324 15.33 21.18 -4.91
N ALA A 325 16.57 20.70 -4.97
CA ALA A 325 16.93 19.46 -5.64
C ALA A 325 17.66 18.53 -4.69
N LYS A 326 17.35 18.63 -3.40
CA LYS A 326 17.95 17.76 -2.40
C LYS A 326 17.60 16.30 -2.64
N ASP A 327 16.31 15.98 -2.57
CA ASP A 327 15.85 14.60 -2.70
C ASP A 327 15.88 14.12 -4.14
N ALA A 328 16.60 13.02 -4.35
CA ALA A 328 16.67 12.35 -5.63
C ALA A 328 15.85 11.08 -5.52
N GLY A 329 15.01 10.82 -6.52
CA GLY A 329 14.16 9.65 -6.51
C GLY A 329 12.85 9.95 -7.17
N PRO A 330 11.75 9.41 -6.63
CA PRO A 330 10.45 9.69 -7.23
C PRO A 330 9.94 11.10 -6.92
N SER A 331 10.47 11.73 -5.87
CA SER A 331 10.01 13.04 -5.46
C SER A 331 10.52 14.16 -6.36
N LEU A 332 11.65 13.95 -7.03
CA LEU A 332 12.19 15.01 -7.90
C LEU A 332 11.29 15.22 -9.11
N LEU A 333 10.69 14.14 -9.63
CA LEU A 333 9.82 14.24 -10.79
C LEU A 333 8.35 14.35 -10.43
N PHE A 334 7.90 13.60 -9.41
CA PHE A 334 6.48 13.55 -9.09
C PHE A 334 6.01 14.71 -8.23
N ILE A 335 6.90 15.36 -7.47
CA ILE A 335 6.53 16.47 -6.60
C ILE A 335 7.12 17.77 -7.13
N THR A 336 8.44 17.90 -7.04
CA THR A 336 9.11 19.15 -7.40
C THR A 336 8.82 19.52 -8.86
N TYR A 337 9.03 18.58 -9.77
CA TYR A 337 8.84 18.89 -11.19
C TYR A 337 7.36 19.11 -11.51
N ALA A 338 6.47 18.36 -10.86
CA ALA A 338 5.04 18.53 -11.10
C ALA A 338 4.56 19.87 -10.55
N GLU A 339 4.99 20.20 -9.32
CA GLU A 339 4.65 21.49 -8.72
C GLU A 339 5.27 22.62 -9.52
N ALA A 340 6.38 22.35 -10.20
CA ALA A 340 7.03 23.35 -11.02
C ALA A 340 6.22 23.63 -12.27
N ILE A 341 5.76 22.56 -12.95
CA ILE A 341 4.97 22.68 -14.17
C ILE A 341 3.54 23.09 -13.88
N ALA A 342 3.13 23.09 -12.61
CA ALA A 342 1.78 23.52 -12.26
C ALA A 342 1.58 25.02 -12.46
N ASN A 343 2.62 25.84 -12.26
CA ASN A 343 2.52 27.28 -12.37
C ASN A 343 2.80 27.77 -13.79
N MET A 344 2.58 26.91 -14.79
CA MET A 344 2.83 27.28 -16.17
C MET A 344 1.52 27.29 -16.99
N PRO A 345 1.46 28.12 -18.03
CA PRO A 345 0.27 28.18 -18.89
C PRO A 345 -0.03 26.86 -19.59
N ALA A 346 -1.32 26.54 -19.69
CA ALA A 346 -1.77 25.27 -20.25
C ALA A 346 -1.11 24.09 -19.55
N SER A 347 -1.22 24.08 -18.23
CA SER A 347 -0.54 23.09 -17.41
C SER A 347 -1.04 21.67 -17.71
N THR A 348 -2.29 21.53 -18.17
CA THR A 348 -2.79 20.21 -18.52
C THR A 348 -1.93 19.56 -19.59
N PHE A 349 -1.51 20.36 -20.59
CA PHE A 349 -0.66 19.87 -21.66
C PHE A 349 0.67 19.33 -21.14
N PHE A 350 1.46 20.18 -20.48
CA PHE A 350 2.78 19.77 -20.01
C PHE A 350 2.70 18.64 -18.99
N ALA A 351 1.62 18.59 -18.22
CA ALA A 351 1.42 17.49 -17.26
C ALA A 351 1.19 16.18 -18.01
N ILE A 352 0.25 16.19 -18.96
CA ILE A 352 -0.08 14.99 -19.73
C ILE A 352 1.16 14.46 -20.44
N ILE A 353 1.90 15.35 -21.12
CA ILE A 353 3.08 14.85 -21.84
C ILE A 353 4.20 14.49 -20.89
N PHE A 354 4.20 15.02 -19.67
CA PHE A 354 5.26 14.69 -18.73
C PHE A 354 5.06 13.28 -18.17
N PHE A 355 3.92 13.02 -17.52
CA PHE A 355 3.69 11.68 -16.98
C PHE A 355 3.52 10.65 -18.10
N LEU A 356 2.90 11.05 -19.21
CA LEU A 356 2.85 10.18 -20.38
C LEU A 356 4.26 9.88 -20.86
N MET A 357 5.16 10.87 -20.75
CA MET A 357 6.55 10.67 -21.11
C MET A 357 7.20 9.65 -20.18
N LEU A 358 6.85 9.71 -18.89
CA LEU A 358 7.39 8.74 -17.95
C LEU A 358 6.99 7.31 -18.35
N ILE A 359 5.69 7.10 -18.57
CA ILE A 359 5.23 5.77 -18.99
C ILE A 359 5.92 5.37 -20.30
N THR A 360 6.06 6.33 -21.21
CA THR A 360 6.68 6.08 -22.51
C THR A 360 8.15 5.73 -22.36
N LEU A 361 8.78 6.20 -21.30
CA LEU A 361 10.18 5.88 -21.04
C LEU A 361 10.31 4.47 -20.48
N GLY A 362 9.42 4.09 -19.57
CA GLY A 362 9.49 2.76 -18.99
C GLY A 362 9.06 1.65 -19.93
N LEU A 363 8.10 1.95 -20.83
CA LEU A 363 7.50 0.94 -21.70
C LEU A 363 8.53 0.20 -22.55
N ASP A 364 9.32 0.92 -23.33
CA ASP A 364 10.28 0.29 -24.23
C ASP A 364 11.30 -0.55 -23.46
N SER A 365 11.86 0.04 -22.39
CA SER A 365 12.82 -0.67 -21.56
C SER A 365 12.22 -1.97 -21.02
N THR A 366 10.98 -1.94 -20.53
CA THR A 366 10.42 -3.18 -19.97
C THR A 366 10.05 -4.18 -21.06
N PHE A 367 9.65 -3.71 -22.26
CA PHE A 367 9.57 -4.57 -23.42
C PHE A 367 10.85 -5.39 -23.57
N ALA A 368 11.99 -4.71 -23.64
CA ALA A 368 13.25 -5.40 -23.84
C ALA A 368 13.59 -6.31 -22.66
N GLY A 369 13.34 -5.82 -21.45
CA GLY A 369 13.58 -6.61 -20.25
C GLY A 369 12.90 -7.96 -20.29
N LEU A 370 11.61 -7.96 -20.64
CA LEU A 370 10.91 -9.23 -20.78
C LEU A 370 11.42 -10.01 -21.99
N GLU A 371 11.73 -9.31 -23.08
CA GLU A 371 12.16 -9.94 -24.32
C GLU A 371 13.34 -10.87 -24.10
N GLY A 372 14.31 -10.45 -23.29
CA GLY A 372 15.48 -11.29 -23.03
C GLY A 372 15.13 -12.61 -22.35
N VAL A 373 14.32 -12.55 -21.29
CA VAL A 373 13.94 -13.74 -20.56
C VAL A 373 13.09 -14.67 -21.43
N ILE A 374 12.11 -14.11 -22.14
CA ILE A 374 11.25 -14.91 -23.00
C ILE A 374 12.09 -15.67 -24.02
N THR A 375 13.01 -14.97 -24.69
CA THR A 375 13.91 -15.63 -25.64
C THR A 375 14.71 -16.74 -24.96
N ALA A 376 15.22 -16.47 -23.76
CA ALA A 376 16.02 -17.48 -23.05
C ALA A 376 15.24 -18.77 -22.79
N VAL A 377 14.03 -18.66 -22.23
CA VAL A 377 13.27 -19.88 -21.91
C VAL A 377 12.79 -20.59 -23.16
N LEU A 378 12.35 -19.85 -24.18
CA LEU A 378 11.91 -20.50 -25.41
C LEU A 378 13.04 -21.26 -26.09
N ASP A 379 14.25 -20.68 -26.11
CA ASP A 379 15.40 -21.36 -26.72
C ASP A 379 15.95 -22.50 -25.85
N GLU A 380 15.76 -22.44 -24.53
CA GLU A 380 16.27 -23.49 -23.66
C GLU A 380 15.36 -24.72 -23.61
N PHE A 381 14.05 -24.57 -23.75
CA PHE A 381 13.12 -25.70 -23.73
C PHE A 381 12.31 -25.73 -25.01
N PRO A 382 12.96 -25.88 -26.16
CA PRO A 382 12.24 -25.86 -27.44
C PRO A 382 11.37 -27.10 -27.57
N HIS A 383 10.29 -26.95 -28.33
CA HIS A 383 9.37 -28.04 -28.68
C HIS A 383 8.60 -28.39 -27.40
N VAL A 384 9.32 -28.62 -26.30
CA VAL A 384 8.65 -28.73 -25.00
C VAL A 384 7.95 -27.41 -24.73
N TRP A 385 8.42 -26.34 -25.37
CA TRP A 385 7.88 -25.00 -25.35
C TRP A 385 7.92 -24.50 -26.78
N ALA A 386 7.26 -23.36 -27.01
CA ALA A 386 7.08 -22.65 -28.27
C ALA A 386 5.77 -23.15 -28.86
N LYS A 387 5.13 -24.13 -28.20
CA LYS A 387 3.78 -24.57 -28.53
C LYS A 387 2.84 -23.38 -28.78
N ARG A 388 2.89 -22.39 -27.91
CA ARG A 388 2.38 -21.06 -28.20
C ARG A 388 3.24 -20.05 -27.47
N ARG A 389 3.39 -18.85 -28.04
CA ARG A 389 4.13 -17.82 -27.33
C ARG A 389 3.24 -17.07 -26.36
N GLU A 390 1.96 -16.88 -26.71
CA GLU A 390 1.04 -16.17 -25.83
C GLU A 390 0.87 -16.87 -24.49
N ARG A 391 1.15 -18.18 -24.43
CA ARG A 391 1.03 -18.91 -23.17
C ARG A 391 2.15 -18.51 -22.22
N PHE A 392 3.40 -18.65 -22.66
CA PHE A 392 4.54 -18.28 -21.82
C PHE A 392 4.58 -16.78 -21.54
N VAL A 393 4.29 -15.95 -22.55
CA VAL A 393 4.24 -14.49 -22.35
C VAL A 393 3.16 -14.12 -21.34
N LEU A 394 1.97 -14.71 -21.47
CA LEU A 394 0.90 -14.46 -20.51
C LEU A 394 1.35 -14.86 -19.10
N ALA A 395 2.05 -15.99 -19.00
CA ALA A 395 2.53 -16.48 -17.71
C ALA A 395 3.47 -15.47 -17.06
N VAL A 396 4.48 -15.03 -17.80
CA VAL A 396 5.45 -14.09 -17.20
C VAL A 396 4.79 -12.75 -16.88
N VAL A 397 3.80 -12.32 -17.65
CA VAL A 397 3.17 -11.02 -17.38
C VAL A 397 2.33 -11.08 -16.11
N ILE A 398 1.47 -12.09 -15.99
CA ILE A 398 0.66 -12.20 -14.77
C ILE A 398 1.55 -12.48 -13.57
N THR A 399 2.68 -13.16 -13.79
CA THR A 399 3.67 -13.36 -12.73
C THR A 399 4.22 -12.02 -12.27
N CYS A 400 4.47 -11.10 -13.21
CA CYS A 400 4.95 -9.78 -12.82
C CYS A 400 3.89 -8.98 -12.06
N PHE A 401 2.60 -9.25 -12.33
CA PHE A 401 1.56 -8.56 -11.56
C PHE A 401 1.56 -9.05 -10.13
N PHE A 402 1.55 -10.37 -9.93
CA PHE A 402 1.61 -10.93 -8.59
C PHE A 402 2.91 -10.52 -7.89
N GLY A 403 3.98 -10.30 -8.65
CA GLY A 403 5.22 -9.83 -8.06
C GLY A 403 5.12 -8.38 -7.62
N SER A 404 4.30 -7.59 -8.30
CA SER A 404 4.13 -6.19 -7.97
C SER A 404 3.07 -6.00 -6.90
N LEU A 405 2.35 -7.04 -6.51
CA LEU A 405 1.35 -6.90 -5.45
C LEU A 405 1.99 -6.48 -4.13
N VAL A 406 3.28 -6.81 -3.92
CA VAL A 406 3.97 -6.36 -2.72
C VAL A 406 4.30 -4.88 -2.85
N THR A 407 4.35 -4.39 -4.09
CA THR A 407 4.71 -3.02 -4.39
C THR A 407 3.48 -2.13 -4.51
N LEU A 408 2.32 -2.74 -4.72
CA LEU A 408 1.09 -2.00 -4.83
C LEU A 408 0.53 -1.63 -3.47
N THR A 409 1.24 -1.99 -2.41
CA THR A 409 0.81 -1.70 -1.05
C THR A 409 1.04 -0.24 -0.71
N PHE A 410 0.58 0.15 0.48
CA PHE A 410 0.76 1.52 0.95
C PHE A 410 2.24 1.84 1.09
N GLY A 411 2.97 0.98 1.81
CA GLY A 411 4.39 1.13 1.97
C GLY A 411 5.15 0.53 0.80
N GLY A 412 4.44 0.28 -0.29
CA GLY A 412 5.09 -0.28 -1.45
C GLY A 412 6.31 0.51 -1.86
N ALA A 413 6.20 1.84 -1.85
CA ALA A 413 7.34 2.69 -2.17
C ALA A 413 8.57 2.30 -1.36
N TYR A 414 8.38 2.05 -0.06
CA TYR A 414 9.48 1.57 0.78
C TYR A 414 10.14 0.36 0.14
N VAL A 415 9.34 -0.67 -0.16
CA VAL A 415 9.85 -1.88 -0.81
C VAL A 415 10.55 -1.53 -2.12
N VAL A 416 10.00 -0.58 -2.89
CA VAL A 416 10.62 -0.22 -4.16
C VAL A 416 12.08 0.15 -3.96
N LYS A 417 12.37 0.87 -2.88
CA LYS A 417 13.75 1.27 -2.65
C LYS A 417 14.55 0.05 -2.26
N LEU A 418 14.00 -0.74 -1.34
CA LEU A 418 14.72 -1.91 -0.87
C LEU A 418 15.06 -2.81 -2.05
N LEU A 419 14.19 -2.86 -3.07
CA LEU A 419 14.42 -3.71 -4.25
C LEU A 419 15.32 -3.01 -5.27
N GLU A 420 15.32 -1.68 -5.25
CA GLU A 420 16.05 -0.91 -6.25
C GLU A 420 17.53 -0.81 -5.93
N GLU A 421 17.87 -0.83 -4.64
CA GLU A 421 19.23 -0.66 -4.13
C GLU A 421 19.91 -1.98 -3.83
N TYR A 422 19.26 -2.81 -3.02
CA TYR A 422 19.86 -4.04 -2.51
C TYR A 422 19.89 -5.18 -3.53
N ALA A 423 18.75 -5.49 -4.15
CA ALA A 423 18.66 -6.68 -4.98
C ALA A 423 19.45 -6.58 -6.28
N THR A 424 19.09 -5.64 -7.16
CA THR A 424 19.62 -5.67 -8.52
C THR A 424 21.13 -5.42 -8.60
N GLY A 425 21.64 -4.39 -7.94
CA GLY A 425 22.94 -3.87 -8.32
C GLY A 425 24.14 -4.79 -8.15
N PRO A 426 24.31 -5.39 -6.96
CA PRO A 426 25.49 -6.25 -6.79
C PRO A 426 25.42 -7.49 -7.69
N ALA A 427 24.24 -8.11 -7.78
CA ALA A 427 24.13 -9.37 -8.51
C ALA A 427 24.35 -9.12 -9.99
N VAL A 428 23.72 -8.06 -10.53
CA VAL A 428 23.88 -7.76 -11.95
C VAL A 428 25.35 -7.49 -12.24
N LEU A 429 26.00 -6.71 -11.37
CA LEU A 429 27.43 -6.45 -11.56
C LEU A 429 28.21 -7.76 -11.58
N THR A 430 27.85 -8.70 -10.69
CA THR A 430 28.55 -9.97 -10.58
C THR A 430 28.39 -10.81 -11.84
N VAL A 431 27.15 -10.93 -12.33
CA VAL A 431 26.89 -11.75 -13.51
C VAL A 431 27.48 -11.10 -14.74
N ALA A 432 27.58 -9.77 -14.75
CA ALA A 432 28.26 -9.12 -15.86
C ALA A 432 29.75 -9.43 -15.81
N LEU A 433 30.32 -9.46 -14.61
CA LEU A 433 31.73 -9.79 -14.47
C LEU A 433 32.02 -11.22 -14.90
N ILE A 434 31.24 -12.18 -14.36
CA ILE A 434 31.43 -13.60 -14.69
C ILE A 434 31.18 -13.83 -16.17
N GLU A 435 30.17 -13.17 -16.73
CA GLU A 435 29.89 -13.31 -18.16
C GLU A 435 31.05 -12.78 -18.99
N ALA A 436 31.51 -11.57 -18.69
CA ALA A 436 32.62 -10.99 -19.44
C ALA A 436 33.88 -11.84 -19.33
N VAL A 437 34.17 -12.32 -18.12
CA VAL A 437 35.33 -13.17 -17.91
C VAL A 437 35.19 -14.48 -18.69
N ALA A 438 33.96 -15.00 -18.77
CA ALA A 438 33.75 -16.28 -19.45
C ALA A 438 33.88 -16.12 -20.96
N VAL A 439 33.49 -14.97 -21.51
CA VAL A 439 33.60 -14.79 -22.95
C VAL A 439 35.03 -14.41 -23.32
N SER A 440 35.70 -13.62 -22.47
CA SER A 440 37.02 -13.11 -22.78
C SER A 440 38.13 -14.09 -22.40
N TRP A 441 37.94 -14.88 -21.35
CA TRP A 441 39.00 -15.75 -20.82
C TRP A 441 38.76 -17.22 -21.11
N PHE A 442 37.54 -17.73 -20.86
CA PHE A 442 37.27 -19.16 -21.07
C PHE A 442 37.14 -19.50 -22.55
N TYR A 443 36.22 -18.85 -23.24
CA TYR A 443 36.02 -19.07 -24.66
C TYR A 443 37.20 -18.57 -25.46
N GLY A 444 38.00 -17.68 -24.87
CA GLY A 444 39.15 -17.10 -25.52
C GLY A 444 38.77 -15.88 -26.35
N ILE A 445 39.41 -14.76 -26.05
CA ILE A 445 39.10 -13.53 -26.75
C ILE A 445 39.63 -13.63 -28.17
N THR A 446 40.61 -14.52 -28.39
CA THR A 446 41.14 -14.74 -29.73
C THR A 446 40.06 -15.31 -30.63
N GLN A 447 39.40 -16.38 -30.17
CA GLN A 447 38.33 -16.98 -30.95
C GLN A 447 37.16 -16.02 -31.08
N PHE A 448 36.98 -15.12 -30.10
CA PHE A 448 35.94 -14.10 -30.22
C PHE A 448 36.29 -13.11 -31.32
N CYS A 449 37.56 -12.72 -31.41
CA CYS A 449 37.99 -11.83 -32.48
C CYS A 449 37.88 -12.54 -33.81
N ARG A 450 37.96 -13.86 -33.81
CA ARG A 450 37.76 -14.64 -35.02
C ARG A 450 36.28 -14.69 -35.37
N ASP A 451 35.41 -14.71 -34.35
CA ASP A 451 33.98 -14.70 -34.58
C ASP A 451 33.51 -13.36 -35.12
N VAL A 452 34.03 -12.26 -34.56
CA VAL A 452 33.72 -10.94 -35.10
C VAL A 452 34.35 -10.77 -36.47
N LYS A 453 35.54 -11.37 -36.64
CA LYS A 453 36.25 -11.31 -37.92
C LYS A 453 35.46 -12.06 -38.99
N GLU A 454 34.67 -13.04 -38.58
CA GLU A 454 33.79 -13.78 -39.47
C GLU A 454 32.45 -13.06 -39.58
N MET A 455 32.16 -12.19 -38.61
CA MET A 455 30.91 -11.48 -38.52
C MET A 455 30.88 -10.24 -39.40
N LEU A 456 31.79 -9.31 -39.12
CA LEU A 456 31.88 -8.05 -39.82
C LEU A 456 32.86 -8.08 -40.98
N GLY A 457 33.73 -9.08 -41.02
CA GLY A 457 34.73 -9.19 -42.06
C GLY A 457 36.12 -8.79 -41.60
N PHE A 458 36.23 -8.15 -40.44
CA PHE A 458 37.52 -7.72 -39.92
C PHE A 458 37.59 -7.99 -38.43
N SER A 459 38.82 -8.31 -37.97
CA SER A 459 39.07 -8.56 -36.55
C SER A 459 38.98 -7.27 -35.74
N PRO A 460 38.38 -7.30 -34.56
CA PRO A 460 38.30 -6.08 -33.74
C PRO A 460 39.68 -5.61 -33.32
N GLY A 461 39.80 -4.29 -33.18
CA GLY A 461 41.06 -3.66 -32.86
C GLY A 461 41.67 -4.14 -31.55
N TRP A 462 42.95 -3.81 -31.37
CA TRP A 462 43.65 -4.19 -30.15
C TRP A 462 43.06 -3.49 -28.95
N PHE A 463 42.36 -2.37 -29.18
CA PHE A 463 41.67 -1.66 -28.11
C PHE A 463 40.56 -2.52 -27.53
N TRP A 464 39.68 -3.05 -28.39
CA TRP A 464 38.61 -3.91 -27.92
C TRP A 464 39.19 -5.15 -27.26
N ARG A 465 40.30 -5.66 -27.78
CA ARG A 465 40.93 -6.85 -27.19
C ARG A 465 41.37 -6.58 -25.76
N ILE A 466 42.16 -5.53 -25.54
CA ILE A 466 42.64 -5.24 -24.19
C ILE A 466 41.50 -4.80 -23.28
N CYS A 467 40.44 -4.20 -23.83
CA CYS A 467 39.29 -3.85 -23.00
C CYS A 467 38.57 -5.10 -22.51
N TRP A 468 38.39 -6.08 -23.38
CA TRP A 468 37.70 -7.30 -22.98
C TRP A 468 38.56 -8.15 -22.06
N VAL A 469 39.86 -8.21 -22.34
CA VAL A 469 40.75 -9.06 -21.55
C VAL A 469 40.92 -8.49 -20.14
N ALA A 470 41.18 -7.19 -20.01
CA ALA A 470 41.53 -6.61 -18.72
C ALA A 470 40.59 -5.49 -18.29
N ILE A 471 40.48 -4.42 -19.10
CA ILE A 471 39.86 -3.18 -18.64
C ILE A 471 38.40 -3.37 -18.23
N SER A 472 37.65 -4.21 -18.94
CA SER A 472 36.22 -4.34 -18.62
C SER A 472 35.95 -5.19 -17.38
N PRO A 473 36.57 -6.37 -17.21
CA PRO A 473 36.34 -7.10 -15.94
C PRO A 473 36.88 -6.35 -14.72
N LEU A 474 37.90 -5.52 -14.90
CA LEU A 474 38.35 -4.65 -13.83
C LEU A 474 37.34 -3.54 -13.59
N PHE A 475 36.69 -3.09 -14.66
CA PHE A 475 35.67 -2.05 -14.57
C PHE A 475 34.50 -2.53 -13.73
N LEU A 476 34.09 -3.78 -13.93
CA LEU A 476 32.99 -4.33 -13.14
C LEU A 476 33.47 -4.69 -11.73
N LEU A 477 34.69 -5.19 -11.62
CA LEU A 477 35.28 -5.53 -10.34
C LEU A 477 35.37 -4.33 -9.42
N PHE A 478 35.67 -3.16 -10.01
CA PHE A 478 35.75 -1.90 -9.26
C PHE A 478 34.44 -1.61 -8.55
N ILE A 479 33.34 -1.63 -9.30
CA ILE A 479 32.04 -1.30 -8.75
C ILE A 479 31.59 -2.37 -7.76
N ILE A 480 31.95 -3.64 -8.02
CA ILE A 480 31.62 -4.72 -7.09
C ILE A 480 32.27 -4.49 -5.73
N ALA A 481 33.60 -4.34 -5.71
CA ALA A 481 34.31 -4.14 -4.46
C ALA A 481 33.84 -2.89 -3.74
N SER A 482 33.70 -1.78 -4.47
CA SER A 482 33.28 -0.53 -3.84
C SER A 482 31.88 -0.63 -3.28
N PHE A 483 31.04 -1.45 -3.91
CA PHE A 483 29.68 -1.62 -3.44
C PHE A 483 29.65 -2.47 -2.17
N LEU A 484 30.26 -3.67 -2.23
CA LEU A 484 30.25 -4.54 -1.06
C LEU A 484 30.89 -3.86 0.14
N MET A 485 31.97 -3.10 -0.07
CA MET A 485 32.66 -2.48 1.06
C MET A 485 31.78 -1.48 1.79
N SER A 486 30.96 -0.71 1.07
CA SER A 486 30.17 0.35 1.69
C SER A 486 28.71 0.28 1.27
N PRO A 487 27.98 -0.74 1.72
CA PRO A 487 26.56 -0.79 1.41
C PRO A 487 25.86 0.39 2.03
N PRO A 488 24.78 0.87 1.45
CA PRO A 488 24.29 2.17 1.86
C PRO A 488 23.11 2.08 2.82
N GLN A 489 23.16 2.86 3.90
CA GLN A 489 21.97 3.09 4.69
C GLN A 489 21.07 4.02 3.91
N LEU A 490 19.79 3.69 3.84
CA LEU A 490 18.85 4.42 2.99
C LEU A 490 17.64 4.86 3.78
N ARG A 491 17.12 6.03 3.41
CA ARG A 491 15.99 6.63 4.08
C ARG A 491 15.06 7.15 3.00
N LEU A 492 13.76 7.14 3.29
CA LEU A 492 12.76 7.64 2.37
C LEU A 492 11.61 8.26 3.16
N PHE A 493 11.27 9.50 2.83
CA PHE A 493 10.10 10.18 3.40
C PHE A 493 10.15 10.18 4.93
N GLN A 494 11.20 10.80 5.47
CA GLN A 494 11.39 10.95 6.91
C GLN A 494 11.33 9.61 7.63
N TYR A 495 11.80 8.54 6.98
CA TYR A 495 11.77 7.20 7.59
C TYR A 495 13.05 6.45 7.23
N ASN A 496 13.91 6.25 8.22
CA ASN A 496 15.15 5.50 8.04
C ASN A 496 14.83 4.01 8.05
N TYR A 497 15.34 3.28 7.07
CA TYR A 497 15.10 1.85 7.02
C TYR A 497 15.76 1.16 8.21
N PRO A 498 15.13 0.11 8.72
CA PRO A 498 15.69 -0.62 9.85
C PRO A 498 17.07 -1.19 9.54
N TYR A 499 17.86 -1.39 10.60
CA TYR A 499 19.22 -1.92 10.46
C TYR A 499 19.22 -3.22 9.70
N TRP A 500 18.15 -4.02 9.84
CA TRP A 500 18.11 -5.37 9.29
C TRP A 500 17.77 -5.38 7.81
N SER A 501 17.34 -4.24 7.24
CA SER A 501 16.94 -4.18 5.85
C SER A 501 18.01 -4.79 4.95
N ILE A 502 19.28 -4.43 5.18
CA ILE A 502 20.36 -4.96 4.35
C ILE A 502 20.34 -6.48 4.36
N ILE A 503 20.14 -7.10 5.53
CA ILE A 503 20.00 -8.55 5.61
C ILE A 503 18.94 -9.01 4.63
N LEU A 504 17.72 -8.47 4.80
CA LEU A 504 16.64 -8.75 3.85
C LEU A 504 17.13 -8.48 2.43
N GLY A 505 17.72 -7.30 2.21
CA GLY A 505 18.23 -7.00 0.90
C GLY A 505 19.21 -8.04 0.41
N TYR A 506 20.16 -8.44 1.27
CA TYR A 506 21.13 -9.45 0.84
C TYR A 506 20.44 -10.74 0.47
N ALA A 507 19.38 -11.11 1.20
CA ALA A 507 18.61 -12.27 0.79
C ALA A 507 18.11 -12.08 -0.63
N ILE A 508 17.42 -10.96 -0.87
CA ILE A 508 16.92 -10.68 -2.20
C ILE A 508 18.07 -10.49 -3.18
N GLY A 509 19.27 -10.16 -2.69
CA GLY A 509 20.40 -10.03 -3.59
C GLY A 509 21.07 -11.35 -3.91
N THR A 510 20.98 -12.33 -3.00
CA THR A 510 21.67 -13.60 -3.18
C THR A 510 20.72 -14.73 -3.55
N SER A 511 19.42 -14.59 -3.24
CA SER A 511 18.44 -15.63 -3.55
C SER A 511 18.35 -15.85 -5.05
N SER A 512 18.89 -14.90 -5.83
CA SER A 512 18.94 -14.95 -7.28
C SER A 512 20.29 -15.45 -7.76
N PHE A 513 21.31 -15.34 -6.92
CA PHE A 513 22.69 -15.70 -7.24
C PHE A 513 23.00 -17.17 -6.94
N ILE A 514 22.20 -17.82 -6.09
CA ILE A 514 22.50 -19.17 -5.63
C ILE A 514 22.52 -20.17 -6.78
N CYS A 515 21.99 -19.79 -7.94
CA CYS A 515 21.84 -20.74 -9.03
C CYS A 515 23.15 -21.02 -9.75
N ILE A 516 24.08 -20.07 -9.79
CA ILE A 516 25.29 -20.32 -10.58
C ILE A 516 26.30 -21.21 -9.83
N PRO A 517 26.55 -21.08 -8.49
CA PRO A 517 27.49 -22.03 -7.89
C PRO A 517 26.82 -23.38 -7.70
N THR A 518 25.50 -23.36 -7.52
CA THR A 518 24.77 -24.62 -7.40
C THR A 518 24.59 -25.29 -8.74
N TYR A 519 24.59 -24.52 -9.84
CA TYR A 519 24.57 -25.13 -11.15
C TYR A 519 25.95 -25.64 -11.53
N ILE A 520 27.01 -24.94 -11.10
CA ILE A 520 28.33 -25.50 -11.32
C ILE A 520 28.44 -26.79 -10.54
N ALA A 521 27.84 -26.79 -9.35
CA ALA A 521 27.81 -28.00 -8.55
C ALA A 521 26.92 -29.05 -9.20
N TYR A 522 25.85 -28.62 -9.88
CA TYR A 522 24.96 -29.58 -10.54
C TYR A 522 25.64 -30.20 -11.76
N ARG A 523 26.34 -29.40 -12.55
CA ARG A 523 27.04 -29.90 -13.73
C ARG A 523 28.21 -30.79 -13.33
N LEU A 524 29.12 -30.25 -12.51
CA LEU A 524 30.28 -31.01 -12.06
C LEU A 524 29.89 -32.17 -11.16
N ILE A 525 28.72 -32.08 -10.54
CA ILE A 525 28.18 -33.14 -9.67
C ILE A 525 27.45 -34.20 -10.47
N ILE A 526 26.93 -33.84 -11.65
CA ILE A 526 26.16 -34.81 -12.43
C ILE A 526 27.03 -35.60 -13.39
N THR A 527 28.04 -35.05 -14.04
CA THR A 527 28.67 -36.01 -14.93
C THR A 527 29.88 -36.65 -14.28
N PRO A 528 29.88 -37.99 -14.08
CA PRO A 528 31.04 -38.67 -13.50
C PRO A 528 32.22 -38.69 -14.45
N GLY A 529 33.42 -38.58 -13.87
CA GLY A 529 34.70 -38.63 -14.53
C GLY A 529 35.59 -38.13 -13.42
N THR A 530 36.75 -37.50 -13.68
CA THR A 530 37.46 -37.02 -12.52
C THR A 530 37.13 -35.53 -12.43
N PHE A 531 37.64 -34.86 -11.41
CA PHE A 531 37.35 -33.43 -11.31
C PHE A 531 38.03 -32.68 -12.44
N LYS A 532 39.25 -33.09 -12.78
CA LYS A 532 40.00 -32.46 -13.86
C LYS A 532 39.44 -32.84 -15.22
N GLU A 533 38.91 -34.05 -15.34
CA GLU A 533 38.33 -34.55 -16.58
C GLU A 533 36.96 -33.92 -16.84
N ARG A 534 36.10 -33.93 -15.82
CA ARG A 534 34.75 -33.39 -15.97
C ARG A 534 34.75 -31.88 -16.11
N ILE A 535 35.68 -31.17 -15.45
CA ILE A 535 35.66 -29.72 -15.64
C ILE A 535 36.32 -29.34 -16.95
N ILE A 536 37.15 -30.22 -17.53
CA ILE A 536 37.75 -29.92 -18.83
C ILE A 536 36.73 -30.21 -19.93
N LYS A 537 35.88 -31.21 -19.74
CA LYS A 537 34.83 -31.44 -20.72
C LYS A 537 33.66 -30.49 -20.50
N SER A 538 33.57 -29.90 -19.31
CA SER A 538 32.52 -28.94 -19.00
C SER A 538 32.91 -27.50 -19.31
N ILE A 539 34.20 -27.19 -19.45
CA ILE A 539 34.58 -25.84 -19.87
C ILE A 539 34.64 -25.71 -21.39
N THR A 540 34.98 -26.79 -22.10
CA THR A 540 35.00 -26.74 -23.55
C THR A 540 33.60 -26.92 -24.12
N PRO A 541 33.19 -26.05 -25.06
CA PRO A 541 31.82 -26.15 -25.61
C PRO A 541 31.65 -27.38 -26.48
N GLU A 542 30.47 -27.57 -27.07
CA GLU A 542 30.28 -28.70 -27.96
C GLU A 542 31.26 -28.56 -29.13
N THR A 543 31.94 -29.67 -29.48
CA THR A 543 32.74 -29.64 -30.70
C THR A 543 31.89 -29.61 -31.97
N PRO A 544 30.85 -30.47 -32.13
CA PRO A 544 30.01 -30.34 -33.33
C PRO A 544 29.00 -29.19 -33.25
N GLU B 1 -0.94 12.00 14.12
CA GLU B 1 -1.32 13.40 14.07
C GLU B 1 -1.96 13.84 15.41
N VAL B 2 -3.13 14.46 15.32
CA VAL B 2 -3.86 14.92 16.50
C VAL B 2 -4.48 13.72 17.20
N GLN B 3 -4.05 13.45 18.42
CA GLN B 3 -4.60 12.33 19.19
C GLN B 3 -5.02 12.77 20.57
N LEU B 4 -6.20 12.29 21.00
CA LEU B 4 -6.73 12.51 22.34
C LEU B 4 -6.89 11.14 23.01
N GLN B 5 -5.88 10.69 23.75
CA GLN B 5 -5.92 9.38 24.39
C GLN B 5 -6.55 9.52 25.76
N GLN B 6 -7.76 8.99 25.95
CA GLN B 6 -8.44 9.06 27.23
C GLN B 6 -8.01 7.89 28.13
N SER B 7 -8.63 7.81 29.31
CA SER B 7 -8.35 6.74 30.26
C SER B 7 -9.29 5.56 30.01
N GLY B 8 -8.96 4.43 30.65
CA GLY B 8 -9.74 3.24 30.49
C GLY B 8 -11.08 3.30 31.21
N PRO B 9 -11.84 2.23 31.08
CA PRO B 9 -13.15 2.15 31.73
C PRO B 9 -13.01 2.14 33.24
N GLU B 10 -14.05 2.62 33.92
CA GLU B 10 -14.03 2.72 35.38
C GLU B 10 -15.33 2.16 35.93
N LEU B 11 -15.19 1.27 36.92
CA LEU B 11 -16.31 0.70 37.67
C LEU B 11 -16.23 1.24 39.09
N VAL B 12 -17.19 2.09 39.44
CA VAL B 12 -17.14 2.77 40.73
C VAL B 12 -18.49 2.59 41.42
N LYS B 13 -18.44 2.46 42.74
CA LYS B 13 -19.67 2.31 43.49
C LYS B 13 -20.42 3.64 43.55
N PRO B 14 -21.74 3.59 43.54
CA PRO B 14 -22.52 4.84 43.62
C PRO B 14 -22.20 5.63 44.88
N GLY B 15 -22.20 6.96 44.72
CA GLY B 15 -21.91 7.87 45.80
C GLY B 15 -20.45 8.29 45.91
N ALA B 16 -19.54 7.58 45.24
CA ALA B 16 -18.12 7.89 45.27
C ALA B 16 -17.80 8.89 44.16
N SER B 17 -16.51 9.09 43.90
CA SER B 17 -16.05 10.00 42.87
C SER B 17 -15.18 9.23 41.88
N VAL B 18 -14.98 9.82 40.70
CA VAL B 18 -14.15 9.21 39.67
C VAL B 18 -13.54 10.31 38.81
N LYS B 19 -12.26 10.14 38.44
CA LYS B 19 -11.53 11.12 37.66
C LYS B 19 -11.11 10.47 36.34
N ILE B 20 -11.30 11.20 35.24
CA ILE B 20 -10.99 10.74 33.89
C ILE B 20 -9.95 11.68 33.27
N SER B 21 -8.91 11.10 32.68
CA SER B 21 -7.84 11.86 32.04
C SER B 21 -8.10 11.99 30.54
N CYS B 22 -7.22 12.75 29.87
CA CYS B 22 -7.32 13.05 28.45
C CYS B 22 -6.00 13.58 27.91
N LYS B 23 -5.06 12.69 27.58
CA LYS B 23 -3.75 13.05 27.04
C LYS B 23 -3.87 13.59 25.61
N ALA B 24 -3.62 14.88 25.43
CA ALA B 24 -3.70 15.52 24.12
C ALA B 24 -2.32 15.57 23.47
N SER B 25 -2.27 15.39 22.15
CA SER B 25 -1.01 15.40 21.42
C SER B 25 -1.26 15.72 19.94
N GLY B 26 -0.20 16.15 19.27
CA GLY B 26 -0.26 16.43 17.84
C GLY B 26 -0.58 17.85 17.43
N TYR B 27 -0.66 18.78 18.38
CA TYR B 27 -0.96 20.17 18.08
C TYR B 27 -0.51 21.02 19.25
N THR B 28 -0.59 22.35 19.06
CA THR B 28 -0.25 23.26 20.15
C THR B 28 -1.37 23.24 21.18
N PHE B 29 -1.10 22.61 22.33
CA PHE B 29 -2.12 22.36 23.34
C PHE B 29 -2.76 23.64 23.87
N THR B 30 -2.01 24.74 23.90
CA THR B 30 -2.54 25.96 24.48
C THR B 30 -3.34 26.76 23.48
N ASP B 31 -3.48 26.25 22.26
CA ASP B 31 -4.17 26.93 21.18
C ASP B 31 -5.63 26.53 21.03
N TYR B 32 -6.16 25.65 21.89
CA TYR B 32 -7.52 25.16 21.72
C TYR B 32 -8.22 24.92 23.05
N TYR B 33 -9.53 25.21 23.06
CA TYR B 33 -10.43 24.85 24.16
C TYR B 33 -10.52 23.34 24.31
N MET B 34 -10.54 22.87 25.56
CA MET B 34 -10.75 21.45 25.82
C MET B 34 -12.14 21.23 26.39
N ASN B 35 -12.96 20.46 25.67
CA ASN B 35 -14.36 20.22 26.01
C ASN B 35 -14.60 18.81 26.52
N TRP B 36 -15.74 18.63 27.18
CA TRP B 36 -16.19 17.30 27.61
C TRP B 36 -17.66 17.10 27.25
N VAL B 37 -17.94 16.03 26.51
CA VAL B 37 -19.29 15.68 26.06
C VAL B 37 -19.68 14.34 26.70
N LYS B 38 -20.89 14.30 27.24
CA LYS B 38 -21.44 13.10 27.85
C LYS B 38 -22.37 12.43 26.86
N GLN B 39 -22.34 11.10 26.82
CA GLN B 39 -23.20 10.33 25.94
C GLN B 39 -23.76 9.17 26.74
N SER B 40 -25.05 9.24 27.05
CA SER B 40 -25.72 8.17 27.77
C SER B 40 -26.06 7.05 26.79
N HIS B 41 -26.27 5.85 27.34
CA HIS B 41 -26.57 4.71 26.49
C HIS B 41 -27.90 4.93 25.78
N GLY B 42 -27.84 5.02 24.45
CA GLY B 42 -29.04 5.24 23.66
C GLY B 42 -29.49 6.68 23.60
N LYS B 43 -28.76 7.60 24.23
CA LYS B 43 -29.10 9.01 24.27
C LYS B 43 -28.20 9.80 23.33
N SER B 44 -28.47 11.11 23.26
CA SER B 44 -27.75 12.03 22.40
C SER B 44 -26.52 12.57 23.13
N LEU B 45 -25.74 13.39 22.44
CA LEU B 45 -24.55 13.99 23.01
C LEU B 45 -24.96 15.12 23.94
N GLU B 46 -24.20 15.29 25.02
CA GLU B 46 -24.53 16.26 26.06
C GLU B 46 -23.27 17.02 26.44
N TRP B 47 -23.26 18.34 26.18
CA TRP B 47 -22.09 19.17 26.44
C TRP B 47 -21.96 19.46 27.94
N ILE B 48 -20.85 19.02 28.53
CA ILE B 48 -20.62 19.20 29.95
C ILE B 48 -20.04 20.58 30.22
N GLY B 49 -18.97 20.93 29.53
CA GLY B 49 -18.33 22.21 29.69
C GLY B 49 -16.99 22.21 28.99
N ASN B 50 -16.39 23.40 28.97
CA ASN B 50 -15.08 23.57 28.35
C ASN B 50 -14.11 24.10 29.39
N ILE B 51 -12.85 24.21 28.99
CA ILE B 51 -11.80 24.73 29.84
C ILE B 51 -10.73 25.35 28.96
N ASN B 52 -10.22 26.50 29.40
CA ASN B 52 -9.11 27.16 28.73
C ASN B 52 -7.82 26.64 29.35
N PRO B 53 -7.00 25.90 28.60
CA PRO B 53 -5.77 25.32 29.15
C PRO B 53 -4.78 26.32 29.70
N ASN B 54 -4.83 27.57 29.24
CA ASN B 54 -3.85 28.57 29.67
C ASN B 54 -3.99 28.89 31.16
N ASN B 55 -5.20 29.19 31.61
CA ASN B 55 -5.43 29.60 32.98
C ASN B 55 -6.45 28.70 33.67
N GLY B 56 -6.86 27.60 33.04
CA GLY B 56 -7.91 26.76 33.59
C GLY B 56 -9.27 27.40 33.52
N GLY B 57 -9.58 28.06 32.41
CA GLY B 57 -10.83 28.76 32.26
C GLY B 57 -12.04 27.87 32.06
N THR B 58 -12.63 27.36 33.13
CA THR B 58 -13.75 26.43 33.00
C THR B 58 -15.03 27.21 32.73
N SER B 59 -15.73 26.84 31.67
CA SER B 59 -17.05 27.39 31.34
C SER B 59 -17.98 26.19 31.30
N TYR B 60 -18.76 26.02 32.37
CA TYR B 60 -19.64 24.86 32.52
C TYR B 60 -21.03 25.12 31.96
N ASN B 61 -21.83 24.06 32.01
CA ASN B 61 -23.23 24.10 31.65
C ASN B 61 -24.03 24.13 32.94
N GLN B 62 -25.14 24.87 32.92
CA GLN B 62 -25.99 24.97 34.12
C GLN B 62 -26.47 23.59 34.56
N LYS B 63 -26.59 22.65 33.62
CA LYS B 63 -27.03 21.30 33.95
C LYS B 63 -25.95 20.47 34.62
N PHE B 64 -24.69 20.87 34.51
CA PHE B 64 -23.58 20.12 35.08
C PHE B 64 -22.82 20.92 36.13
N LYS B 65 -23.28 22.12 36.46
CA LYS B 65 -22.62 22.94 37.47
C LYS B 65 -22.67 22.22 38.81
N GLY B 66 -21.50 21.93 39.36
CA GLY B 66 -21.39 21.20 40.60
C GLY B 66 -21.44 19.69 40.44
N LYS B 67 -21.65 19.21 39.22
CA LYS B 67 -21.68 17.78 38.91
C LYS B 67 -20.36 17.30 38.34
N ALA B 68 -19.69 18.16 37.56
CA ALA B 68 -18.42 17.86 36.93
C ALA B 68 -17.45 18.99 37.26
N THR B 69 -16.17 18.65 37.37
CA THR B 69 -15.12 19.62 37.62
C THR B 69 -13.98 19.39 36.63
N LEU B 70 -13.78 20.35 35.74
CA LEU B 70 -12.76 20.26 34.71
C LEU B 70 -11.47 20.90 35.21
N THR B 71 -10.35 20.21 34.99
CA THR B 71 -9.03 20.74 35.32
C THR B 71 -8.11 20.52 34.13
N VAL B 72 -6.94 21.16 34.16
CA VAL B 72 -6.00 21.08 33.05
C VAL B 72 -4.58 21.19 33.56
N ASP B 73 -3.65 20.52 32.88
CA ASP B 73 -2.22 20.59 33.19
C ASP B 73 -1.41 20.80 31.92
N LYS B 74 -0.63 21.89 31.88
CA LYS B 74 0.17 22.20 30.71
C LYS B 74 1.50 21.45 30.71
N SER B 75 1.98 21.07 31.89
CA SER B 75 3.28 20.38 32.01
C SER B 75 3.27 19.03 31.31
N SER B 76 2.09 18.46 31.07
CA SER B 76 1.95 17.18 30.39
C SER B 76 0.89 17.23 29.30
N THR B 77 0.28 18.39 29.07
CA THR B 77 -0.79 18.58 28.09
C THR B 77 -1.90 17.56 28.30
N THR B 78 -2.52 17.63 29.49
CA THR B 78 -3.57 16.68 29.82
C THR B 78 -4.70 17.35 30.57
N ALA B 79 -5.92 17.15 30.10
CA ALA B 79 -7.13 17.70 30.72
C ALA B 79 -7.86 16.60 31.49
N TYR B 80 -8.39 16.95 32.65
CA TYR B 80 -9.08 15.99 33.48
C TYR B 80 -10.50 16.44 33.77
N MET B 81 -11.39 15.46 34.00
CA MET B 81 -12.76 15.71 34.41
C MET B 81 -13.08 14.81 35.59
N GLU B 82 -13.47 15.41 36.71
CA GLU B 82 -13.82 14.67 37.92
C GLU B 82 -15.32 14.75 38.15
N LEU B 83 -15.91 13.61 38.53
CA LEU B 83 -17.34 13.50 38.78
C LEU B 83 -17.58 12.99 40.19
N ARG B 84 -18.47 13.67 40.92
CA ARG B 84 -18.87 13.27 42.27
C ARG B 84 -20.37 13.01 42.28
N SER B 85 -20.82 12.38 43.37
CA SER B 85 -22.22 11.99 43.56
C SER B 85 -22.71 11.13 42.39
N LEU B 86 -22.04 9.99 42.22
CA LEU B 86 -22.30 9.11 41.09
C LEU B 86 -23.59 8.33 41.27
N THR B 87 -24.44 8.34 40.24
CA THR B 87 -25.69 7.60 40.24
C THR B 87 -25.71 6.68 39.01
N SER B 88 -26.86 6.02 38.79
CA SER B 88 -26.99 5.12 37.66
C SER B 88 -27.06 5.88 36.34
N GLU B 89 -27.44 7.16 36.36
CA GLU B 89 -27.52 7.94 35.14
C GLU B 89 -26.14 8.31 34.61
N ASP B 90 -25.15 8.41 35.50
CA ASP B 90 -23.80 8.74 35.08
C ASP B 90 -23.11 7.57 34.39
N SER B 91 -23.69 6.37 34.48
CA SER B 91 -23.13 5.21 33.79
C SER B 91 -23.30 5.43 32.29
N ALA B 92 -22.38 6.21 31.74
CA ALA B 92 -22.42 6.60 30.34
C ALA B 92 -21.00 6.72 29.82
N VAL B 93 -20.88 6.87 28.51
CA VAL B 93 -19.59 7.05 27.86
C VAL B 93 -19.28 8.53 27.80
N TYR B 94 -18.06 8.91 28.18
CA TYR B 94 -17.64 10.30 28.22
C TYR B 94 -16.51 10.52 27.22
N TYR B 95 -16.59 11.63 26.49
CA TYR B 95 -15.58 12.02 25.51
C TYR B 95 -14.99 13.36 25.89
N CYS B 96 -13.70 13.53 25.63
CA CYS B 96 -13.05 14.83 25.69
C CYS B 96 -12.72 15.26 24.28
N THR B 97 -13.24 16.41 23.85
CA THR B 97 -13.08 16.81 22.46
C THR B 97 -12.49 18.21 22.36
N ARG B 98 -11.54 18.35 21.44
CA ARG B 98 -10.90 19.63 21.18
C ARG B 98 -11.84 20.56 20.43
N SER B 99 -11.71 21.88 20.68
CA SER B 99 -12.50 22.84 19.91
C SER B 99 -11.82 24.19 19.85
N PRO B 100 -11.87 24.87 18.71
CA PRO B 100 -11.37 26.25 18.64
C PRO B 100 -12.33 27.18 19.37
N VAL B 101 -12.04 28.48 19.41
CA VAL B 101 -12.94 29.40 20.10
C VAL B 101 -14.07 29.88 19.21
N ARG B 102 -13.87 29.97 17.89
CA ARG B 102 -14.91 30.39 16.96
C ARG B 102 -14.49 30.06 15.53
N PRO B 103 -15.33 29.32 14.77
CA PRO B 103 -16.60 28.74 15.22
C PRO B 103 -16.42 27.50 16.09
N TYR B 104 -17.34 27.33 17.04
CA TYR B 104 -17.19 26.33 18.11
C TYR B 104 -17.64 24.93 17.70
N TYR B 105 -16.84 24.30 16.84
CA TYR B 105 -17.09 22.92 16.45
C TYR B 105 -16.13 22.00 17.21
N PHE B 106 -16.47 20.71 17.27
CA PHE B 106 -15.64 19.70 17.93
C PHE B 106 -14.91 18.86 16.89
N ASP B 107 -13.72 19.33 16.48
CA ASP B 107 -13.00 18.69 15.38
C ASP B 107 -12.46 17.31 15.76
N TYR B 108 -11.75 17.19 16.88
CA TYR B 108 -11.15 15.92 17.27
C TYR B 108 -11.69 15.42 18.60
N TRP B 109 -12.08 14.15 18.66
CA TRP B 109 -12.62 13.56 19.88
C TRP B 109 -11.69 12.46 20.40
N GLY B 110 -11.94 12.06 21.65
CA GLY B 110 -11.27 10.93 22.26
C GLY B 110 -12.00 9.62 21.95
N GLN B 111 -11.40 8.51 22.34
CA GLN B 111 -12.03 7.22 22.06
C GLN B 111 -13.19 6.93 22.99
N GLY B 112 -13.32 7.67 24.08
CA GLY B 112 -14.44 7.48 25.00
C GLY B 112 -13.98 6.78 26.27
N THR B 113 -14.78 6.95 27.33
CA THR B 113 -14.48 6.33 28.60
C THR B 113 -15.78 5.75 29.15
N THR B 114 -15.83 4.42 29.24
CA THR B 114 -16.99 3.70 29.73
C THR B 114 -17.01 3.74 31.24
N LEU B 115 -18.00 4.41 31.81
CA LEU B 115 -18.15 4.51 33.25
C LEU B 115 -19.35 3.69 33.67
N THR B 116 -19.16 2.79 34.64
CA THR B 116 -20.24 1.99 35.18
C THR B 116 -20.33 2.28 36.66
N VAL B 117 -21.47 2.82 37.08
CA VAL B 117 -21.75 3.16 38.46
C VAL B 117 -22.72 2.12 39.00
N SER B 118 -22.19 1.11 39.70
CA SER B 118 -23.01 0.07 40.28
C SER B 118 -22.24 -0.56 41.43
N SER B 119 -22.97 -1.07 42.41
CA SER B 119 -22.32 -1.70 43.55
C SER B 119 -22.09 -3.18 43.31
N ALA B 120 -22.39 -3.65 42.09
CA ALA B 120 -22.20 -5.06 41.76
C ALA B 120 -20.72 -5.40 41.69
N LYS B 121 -20.38 -6.57 42.24
CA LYS B 121 -19.00 -7.01 42.26
C LYS B 121 -18.48 -7.29 40.85
N THR B 122 -17.21 -6.94 40.61
CA THR B 122 -16.54 -7.20 39.34
C THR B 122 -16.45 -8.72 39.14
N THR B 123 -17.23 -9.27 38.22
CA THR B 123 -17.25 -10.72 38.04
C THR B 123 -16.45 -11.10 36.80
N PRO B 124 -15.48 -11.99 36.96
CA PRO B 124 -14.68 -12.46 35.81
C PRO B 124 -15.47 -13.32 34.85
N PRO B 125 -15.21 -13.18 33.56
CA PRO B 125 -15.96 -13.92 32.53
C PRO B 125 -15.56 -15.38 32.42
N SER B 126 -16.56 -16.22 32.12
CA SER B 126 -16.37 -17.64 31.87
C SER B 126 -16.27 -17.86 30.37
N VAL B 127 -15.09 -18.28 29.91
CA VAL B 127 -14.81 -18.45 28.49
C VAL B 127 -14.99 -19.92 28.14
N TYR B 128 -15.99 -20.22 27.32
CA TYR B 128 -16.26 -21.60 26.90
C TYR B 128 -16.21 -21.68 25.38
N PRO B 129 -15.34 -22.53 24.82
CA PRO B 129 -15.20 -22.62 23.36
C PRO B 129 -16.46 -23.14 22.68
N LEU B 130 -17.01 -22.38 21.75
CA LEU B 130 -18.18 -22.83 21.01
C LEU B 130 -17.63 -23.39 19.70
N ALA B 131 -17.40 -24.70 19.69
CA ALA B 131 -16.83 -25.42 18.57
C ALA B 131 -17.87 -26.24 17.84
N PRO B 132 -17.78 -26.33 16.51
CA PRO B 132 -18.67 -27.20 15.76
C PRO B 132 -18.49 -28.65 16.17
N GLY B 133 -19.54 -29.44 15.98
CA GLY B 133 -19.47 -30.84 16.28
C GLY B 133 -18.59 -31.59 15.29
N CYS B 134 -18.34 -32.86 15.62
CA CYS B 134 -17.54 -33.74 14.77
C CYS B 134 -18.35 -34.49 13.72
N GLY B 135 -19.68 -34.32 13.70
CA GLY B 135 -20.53 -34.96 12.72
C GLY B 135 -21.04 -34.06 11.62
N ASP B 136 -20.69 -32.78 11.63
CA ASP B 136 -21.12 -31.82 10.64
C ASP B 136 -20.42 -32.04 9.30
N THR B 137 -21.04 -31.53 8.23
CA THR B 137 -20.51 -31.65 6.87
C THR B 137 -19.64 -30.42 6.60
N THR B 138 -18.34 -30.65 6.48
CA THR B 138 -17.37 -29.59 6.23
C THR B 138 -17.48 -29.11 4.78
N GLY B 139 -17.97 -27.88 4.60
CA GLY B 139 -18.13 -27.28 3.30
C GLY B 139 -16.98 -26.36 2.95
N SER B 140 -17.28 -25.30 2.22
CA SER B 140 -16.24 -24.35 1.85
C SER B 140 -15.82 -23.45 2.99
N SER B 141 -16.67 -23.31 4.02
CA SER B 141 -16.35 -22.46 5.16
C SER B 141 -17.00 -23.04 6.41
N VAL B 142 -16.30 -22.91 7.53
CA VAL B 142 -16.78 -23.37 8.84
C VAL B 142 -16.94 -22.16 9.74
N THR B 143 -18.04 -22.14 10.50
CA THR B 143 -18.31 -21.06 11.43
C THR B 143 -18.00 -21.55 12.85
N LEU B 144 -17.21 -20.76 13.57
CA LEU B 144 -16.76 -21.06 14.92
C LEU B 144 -17.29 -19.99 15.87
N GLY B 145 -17.11 -20.24 17.17
CA GLY B 145 -17.53 -19.26 18.16
C GLY B 145 -16.82 -19.48 19.49
N CYS B 146 -17.00 -18.48 20.36
CA CYS B 146 -16.53 -18.54 21.74
C CYS B 146 -17.56 -17.82 22.61
N LEU B 147 -17.92 -18.42 23.72
CA LEU B 147 -18.96 -17.92 24.59
C LEU B 147 -18.35 -17.25 25.81
N VAL B 148 -18.80 -16.04 26.10
CA VAL B 148 -18.37 -15.29 27.27
C VAL B 148 -19.61 -15.19 28.17
N LYS B 149 -19.53 -15.81 29.34
CA LYS B 149 -20.68 -15.95 30.22
C LYS B 149 -20.42 -15.45 31.63
N GLY B 150 -21.32 -14.60 32.12
CA GLY B 150 -21.28 -14.13 33.48
C GLY B 150 -20.17 -13.17 33.86
N TYR B 151 -20.39 -11.80 33.46
CA TYR B 151 -19.35 -10.88 33.90
C TYR B 151 -19.91 -9.48 34.15
N PHE B 152 -19.13 -8.65 34.83
CA PHE B 152 -19.57 -7.30 35.17
C PHE B 152 -18.37 -6.40 35.46
N PRO B 153 -18.38 -5.17 34.92
CA PRO B 153 -19.42 -4.63 34.02
C PRO B 153 -19.20 -5.01 32.56
N GLU B 154 -19.62 -4.14 31.65
CA GLU B 154 -19.58 -4.43 30.22
C GLU B 154 -18.16 -4.31 29.64
N SER B 155 -17.16 -4.02 30.32
CA SER B 155 -15.80 -3.94 29.80
C SER B 155 -15.30 -5.35 29.44
N VAL B 156 -15.29 -5.69 28.15
CA VAL B 156 -14.81 -7.00 27.71
C VAL B 156 -14.33 -6.89 26.27
N THR B 157 -13.34 -7.70 25.91
CA THR B 157 -12.77 -7.70 24.56
C THR B 157 -12.51 -9.13 24.11
N VAL B 158 -13.15 -9.55 23.02
CA VAL B 158 -12.98 -10.88 22.45
C VAL B 158 -12.22 -10.75 21.13
N THR B 159 -10.99 -11.26 21.10
CA THR B 159 -10.15 -11.23 19.90
C THR B 159 -10.00 -12.63 19.32
N TRP B 160 -9.53 -12.68 18.07
CA TRP B 160 -9.35 -13.95 17.36
C TRP B 160 -7.97 -14.01 16.72
N ASN B 161 -7.10 -14.84 17.28
CA ASN B 161 -5.76 -15.10 16.76
C ASN B 161 -4.96 -13.82 16.58
N SER B 162 -4.90 -13.01 17.65
CA SER B 162 -4.15 -11.74 17.59
C SER B 162 -4.64 -10.87 16.44
N GLY B 163 -5.94 -10.96 16.13
CA GLY B 163 -6.53 -10.16 15.06
C GLY B 163 -6.13 -10.54 13.66
N SER B 164 -5.90 -11.84 13.39
CA SER B 164 -5.53 -12.28 12.04
C SER B 164 -5.93 -13.74 11.87
N LEU B 165 -6.99 -13.98 11.10
CA LEU B 165 -7.76 -12.93 10.45
C LEU B 165 -9.11 -12.70 11.13
N SER B 166 -9.82 -11.68 10.68
CA SER B 166 -11.14 -11.39 11.23
C SER B 166 -12.00 -10.67 10.20
N SER B 167 -11.99 -11.18 8.96
CA SER B 167 -12.78 -10.56 7.91
C SER B 167 -14.19 -11.13 7.86
N SER B 168 -14.49 -12.10 8.72
CA SER B 168 -15.80 -12.73 8.79
C SER B 168 -16.11 -13.08 10.25
N VAL B 169 -15.97 -12.11 11.15
CA VAL B 169 -16.22 -12.33 12.58
C VAL B 169 -17.49 -11.57 12.96
N HIS B 170 -18.49 -12.30 13.43
CA HIS B 170 -19.74 -11.72 13.91
C HIS B 170 -19.75 -11.74 15.44
N THR B 171 -19.63 -10.55 16.04
CA THR B 171 -19.64 -10.41 17.50
C THR B 171 -21.03 -9.98 17.95
N PHE B 172 -21.66 -10.79 18.85
CA PHE B 172 -23.02 -10.51 19.30
C PHE B 172 -23.02 -9.70 20.59
N PRO B 173 -23.84 -8.63 20.66
CA PRO B 173 -23.86 -7.77 21.84
C PRO B 173 -24.15 -8.53 23.14
N ALA B 174 -23.67 -7.96 24.24
CA ALA B 174 -23.84 -8.54 25.56
C ALA B 174 -25.24 -8.25 26.09
N LEU B 175 -25.80 -9.21 26.84
CA LEU B 175 -27.11 -9.03 27.45
C LEU B 175 -26.98 -9.07 28.97
N LEU B 176 -27.69 -8.16 29.64
CA LEU B 176 -27.64 -8.01 31.09
C LEU B 176 -28.81 -8.75 31.73
N GLN B 177 -28.51 -9.52 32.77
CA GLN B 177 -29.56 -10.25 33.48
C GLN B 177 -29.07 -10.63 34.88
N SER B 178 -29.90 -10.34 35.89
CA SER B 178 -29.60 -10.62 37.30
C SER B 178 -28.24 -10.05 37.71
N GLY B 179 -27.89 -8.90 37.13
CA GLY B 179 -26.66 -8.21 37.44
C GLY B 179 -25.42 -8.72 36.73
N LEU B 180 -25.55 -9.70 35.83
CA LEU B 180 -24.40 -10.24 35.10
C LEU B 180 -24.66 -10.25 33.60
N TYR B 181 -23.62 -9.96 32.82
CA TYR B 181 -23.70 -9.91 31.37
C TYR B 181 -23.37 -11.27 30.74
N THR B 182 -23.75 -11.42 29.47
CA THR B 182 -23.46 -12.65 28.72
C THR B 182 -23.48 -12.35 27.22
N MET B 183 -22.37 -12.66 26.53
CA MET B 183 -22.27 -12.43 25.09
C MET B 183 -21.64 -13.65 24.41
N SER B 184 -21.62 -13.62 23.07
CA SER B 184 -21.05 -14.69 22.26
C SER B 184 -20.40 -14.12 21.00
N SER B 185 -19.40 -14.85 20.48
CA SER B 185 -18.66 -14.46 19.28
C SER B 185 -18.57 -15.60 18.27
N SER B 186 -18.56 -15.24 16.98
CA SER B 186 -18.46 -16.21 15.89
C SER B 186 -17.48 -15.72 14.82
N VAL B 187 -16.97 -16.66 14.02
CA VAL B 187 -16.02 -16.37 12.94
C VAL B 187 -16.19 -17.39 11.82
N THR B 188 -16.33 -16.91 10.59
CA THR B 188 -16.50 -17.78 9.43
C THR B 188 -15.16 -17.90 8.69
N VAL B 189 -14.48 -19.03 8.83
CA VAL B 189 -13.19 -19.20 8.16
C VAL B 189 -13.20 -20.45 7.28
N PRO B 190 -12.58 -20.42 6.11
CA PRO B 190 -12.61 -21.58 5.20
C PRO B 190 -12.04 -22.85 5.84
N SER B 191 -12.34 -23.98 5.20
CA SER B 191 -11.98 -25.31 5.69
C SER B 191 -10.59 -25.77 5.26
N SER B 192 -9.85 -24.96 4.52
CA SER B 192 -8.52 -25.35 4.05
C SER B 192 -7.40 -24.95 5.00
N THR B 193 -7.75 -24.47 6.19
CA THR B 193 -6.79 -24.06 7.21
C THR B 193 -7.24 -24.56 8.57
N TRP B 194 -8.12 -25.57 8.60
CA TRP B 194 -8.70 -26.15 9.78
C TRP B 194 -9.11 -27.58 9.51
N PRO B 195 -8.80 -28.53 10.41
CA PRO B 195 -8.05 -28.23 11.64
C PRO B 195 -6.54 -28.36 11.49
N SER B 196 -6.02 -27.96 10.33
CA SER B 196 -4.59 -28.07 10.08
C SER B 196 -3.81 -27.12 10.97
N GLN B 197 -4.11 -25.82 10.85
CA GLN B 197 -3.41 -24.79 11.61
C GLN B 197 -4.11 -24.54 12.95
N THR B 198 -3.62 -23.54 13.68
CA THR B 198 -4.07 -23.20 15.03
C THR B 198 -5.01 -21.98 15.03
N VAL B 199 -6.22 -22.15 15.57
CA VAL B 199 -7.19 -21.06 15.71
C VAL B 199 -7.56 -20.97 17.18
N THR B 200 -7.37 -19.79 17.79
CA THR B 200 -7.61 -19.59 19.22
C THR B 200 -8.29 -18.25 19.50
N CYS B 201 -9.35 -18.26 20.30
CA CYS B 201 -10.02 -17.02 20.70
C CYS B 201 -9.50 -16.56 22.07
N SER B 202 -9.32 -15.25 22.21
CA SER B 202 -8.79 -14.66 23.45
C SER B 202 -9.82 -13.72 24.07
N VAL B 203 -10.25 -14.02 25.31
CA VAL B 203 -11.20 -13.18 26.03
C VAL B 203 -10.48 -12.43 27.13
N ALA B 204 -10.57 -11.09 27.09
CA ALA B 204 -9.92 -10.19 28.03
C ALA B 204 -10.97 -9.36 28.76
N HIS B 205 -10.90 -9.34 30.09
CA HIS B 205 -11.79 -8.53 30.93
C HIS B 205 -10.99 -7.48 31.68
N PRO B 206 -10.96 -6.24 31.19
CA PRO B 206 -10.12 -5.20 31.82
C PRO B 206 -10.55 -4.79 33.21
N ALA B 207 -11.85 -4.81 33.53
CA ALA B 207 -12.30 -4.38 34.85
C ALA B 207 -11.81 -5.33 35.93
N SER B 208 -11.74 -6.63 35.63
CA SER B 208 -11.22 -7.62 36.56
C SER B 208 -9.75 -7.94 36.26
N SER B 209 -9.21 -7.33 35.21
CA SER B 209 -7.81 -7.50 34.79
C SER B 209 -7.47 -8.97 34.57
N THR B 210 -8.39 -9.69 33.93
CA THR B 210 -8.15 -11.09 33.64
C THR B 210 -8.10 -11.29 32.14
N THR B 211 -7.48 -12.38 31.70
CA THR B 211 -7.40 -12.69 30.28
C THR B 211 -7.30 -14.21 30.14
N VAL B 212 -8.39 -14.83 29.73
CA VAL B 212 -8.45 -16.28 29.53
C VAL B 212 -8.50 -16.52 28.03
N ASP B 213 -7.58 -17.34 27.54
CA ASP B 213 -7.50 -17.69 26.13
C ASP B 213 -7.91 -19.14 25.95
N LYS B 214 -8.87 -19.37 25.05
CA LYS B 214 -9.36 -20.73 24.78
C LYS B 214 -9.25 -21.03 23.30
N LYS B 215 -8.62 -22.16 22.97
CA LYS B 215 -8.49 -22.61 21.60
C LYS B 215 -9.62 -23.54 21.21
N LEU B 216 -10.15 -23.34 20.00
CA LEU B 216 -11.25 -24.15 19.51
C LEU B 216 -10.79 -25.55 19.10
N GLU B 217 -11.50 -26.58 19.56
CA GLU B 217 -11.20 -27.96 19.22
C GLU B 217 -12.45 -28.72 18.80
N PRO B 218 -12.47 -29.36 17.62
CA PRO B 218 -13.62 -30.12 17.15
C PRO B 218 -13.84 -31.40 17.94
N ASP C 1 -31.90 28.22 26.70
CA ASP C 1 -31.11 27.27 25.93
C ASP C 1 -31.73 26.99 24.56
N ILE C 2 -31.10 26.08 23.82
CA ILE C 2 -31.50 25.76 22.45
C ILE C 2 -31.88 24.29 22.39
N VAL C 3 -32.97 23.97 21.69
CA VAL C 3 -33.43 22.59 21.57
C VAL C 3 -33.31 22.20 20.10
N MET C 4 -32.36 21.31 19.82
CA MET C 4 -32.16 20.75 18.48
C MET C 4 -33.01 19.50 18.31
N THR C 5 -34.01 19.56 17.43
CA THR C 5 -34.97 18.45 17.28
C THR C 5 -34.77 17.77 15.93
N GLN C 6 -34.43 16.47 15.98
CA GLN C 6 -34.39 15.63 14.78
C GLN C 6 -35.64 14.74 14.82
N SER C 7 -36.69 15.19 14.14
CA SER C 7 -37.99 14.51 14.21
C SER C 7 -37.94 13.05 13.76
N HIS C 8 -37.08 12.72 12.82
CA HIS C 8 -36.96 11.35 12.30
C HIS C 8 -35.77 10.65 12.96
N LYS C 9 -36.07 9.73 13.88
CA LYS C 9 -35.04 9.00 14.60
C LYS C 9 -34.32 8.00 13.69
N PHE C 10 -35.03 7.43 12.70
CA PHE C 10 -34.44 6.48 11.77
C PHE C 10 -34.75 6.87 10.33
N MET C 11 -33.79 6.65 9.43
CA MET C 11 -33.99 6.87 8.01
C MET C 11 -33.37 5.73 7.21
N SER C 12 -34.16 5.15 6.31
CA SER C 12 -33.75 4.03 5.47
C SER C 12 -33.28 4.55 4.12
N THR C 13 -32.13 4.04 3.66
CA THR C 13 -31.61 4.42 2.35
C THR C 13 -30.87 3.21 1.77
N SER C 14 -30.46 3.35 0.51
CA SER C 14 -29.73 2.31 -0.20
C SER C 14 -28.36 2.83 -0.64
N VAL C 15 -27.49 1.89 -1.01
CA VAL C 15 -26.14 2.22 -1.46
C VAL C 15 -26.22 2.94 -2.80
N GLY C 16 -25.77 4.19 -2.84
CA GLY C 16 -25.79 4.98 -4.05
C GLY C 16 -26.93 5.98 -4.14
N ASP C 17 -27.91 5.89 -3.26
CA ASP C 17 -29.06 6.78 -3.24
C ASP C 17 -28.69 8.13 -2.63
N ARG C 18 -29.54 9.12 -2.91
CA ARG C 18 -29.38 10.47 -2.40
C ARG C 18 -30.11 10.55 -1.07
N VAL C 19 -29.36 10.70 0.03
CA VAL C 19 -29.99 10.76 1.35
C VAL C 19 -29.78 12.14 1.94
N SER C 20 -30.77 12.60 2.70
CA SER C 20 -30.69 13.93 3.33
C SER C 20 -31.36 13.92 4.70
N ILE C 21 -30.60 14.25 5.74
CA ILE C 21 -31.09 14.31 7.11
C ILE C 21 -31.40 15.77 7.46
N THR C 22 -32.55 16.00 8.10
CA THR C 22 -33.00 17.32 8.50
C THR C 22 -32.58 17.64 9.94
N CYS C 23 -32.67 18.92 10.31
CA CYS C 23 -32.31 19.37 11.66
C CYS C 23 -33.03 20.66 11.97
N LYS C 24 -33.84 20.65 13.04
CA LYS C 24 -34.64 21.78 13.47
C LYS C 24 -34.08 22.37 14.76
N ALA C 25 -33.82 23.67 14.76
CA ALA C 25 -33.30 24.38 15.93
C ALA C 25 -34.42 25.14 16.65
N SER C 26 -34.10 25.60 17.88
CA SER C 26 -35.08 26.34 18.68
C SER C 26 -35.33 27.74 18.10
N GLN C 27 -34.26 28.50 17.85
CA GLN C 27 -34.39 29.84 17.29
C GLN C 27 -33.55 30.01 16.02
N ASP C 28 -33.48 31.24 15.52
CA ASP C 28 -32.68 31.53 14.33
C ASP C 28 -31.20 31.37 14.66
N VAL C 29 -30.47 30.71 13.76
CA VAL C 29 -29.08 30.34 13.98
C VAL C 29 -28.15 30.95 12.93
N SER C 30 -28.69 31.64 11.93
CA SER C 30 -27.91 32.15 10.80
C SER C 30 -27.28 30.97 10.07
N THR C 31 -25.96 30.84 10.14
CA THR C 31 -25.26 29.73 9.52
C THR C 31 -24.31 29.09 10.54
N ALA C 32 -24.85 28.69 11.69
CA ALA C 32 -24.01 28.13 12.74
C ALA C 32 -24.42 26.73 13.17
N VAL C 33 -24.38 25.76 12.24
CA VAL C 33 -24.74 24.38 12.54
C VAL C 33 -23.61 23.47 12.04
N ALA C 34 -23.19 22.54 12.90
CA ALA C 34 -22.16 21.57 12.59
C ALA C 34 -22.76 20.17 12.63
N TRP C 35 -22.40 19.36 11.64
CA TRP C 35 -22.85 17.97 11.51
C TRP C 35 -21.73 17.00 11.86
N TYR C 36 -22.06 16.04 12.72
CA TYR C 36 -21.13 15.03 13.20
C TYR C 36 -21.59 13.64 12.76
N GLN C 37 -20.62 12.76 12.49
CA GLN C 37 -20.83 11.38 12.09
C GLN C 37 -20.23 10.44 13.13
N GLN C 38 -21.08 9.74 13.86
CA GLN C 38 -20.61 8.80 14.87
C GLN C 38 -20.87 7.40 14.33
N LYS C 39 -19.80 6.73 13.91
CA LYS C 39 -19.91 5.35 13.46
C LYS C 39 -20.08 4.46 14.68
N PRO C 40 -20.86 3.37 14.56
CA PRO C 40 -21.07 2.47 15.71
C PRO C 40 -19.76 1.95 16.32
N GLY C 41 -19.45 2.38 17.52
CA GLY C 41 -18.24 1.95 18.19
C GLY C 41 -17.08 2.90 18.08
N GLN C 42 -17.28 4.07 17.49
CA GLN C 42 -16.25 5.08 17.31
C GLN C 42 -16.68 6.40 17.94
N SER C 43 -15.73 7.29 18.06
CA SER C 43 -16.04 8.61 18.55
C SER C 43 -16.74 9.42 17.46
N PRO C 44 -17.59 10.37 17.84
CA PRO C 44 -18.22 11.22 16.83
C PRO C 44 -17.16 11.91 15.98
N LYS C 45 -17.34 11.87 14.68
CA LYS C 45 -16.40 12.48 13.75
C LYS C 45 -17.04 13.69 13.11
N LEU C 46 -16.33 14.81 13.17
CA LEU C 46 -16.83 16.06 12.60
C LEU C 46 -16.82 16.02 11.08
N LEU C 47 -17.97 16.30 10.47
CA LEU C 47 -18.06 16.37 9.01
C LEU C 47 -18.31 17.79 8.51
N ILE C 48 -19.36 18.46 8.97
CA ILE C 48 -19.73 19.79 8.48
C ILE C 48 -19.63 20.81 9.61
N TYR C 49 -19.21 22.03 9.27
CA TYR C 49 -19.26 23.13 10.21
C TYR C 49 -19.78 24.38 9.49
N SER C 50 -20.51 25.21 10.23
CA SER C 50 -21.11 26.43 9.68
C SER C 50 -22.00 26.12 8.47
N ALA C 51 -22.98 25.25 8.70
CA ALA C 51 -24.03 24.91 7.73
C ALA C 51 -23.53 24.23 6.46
N SER C 52 -22.66 24.88 5.68
CA SER C 52 -22.32 24.38 4.35
C SER C 52 -20.86 23.98 4.17
N TYR C 53 -19.94 24.54 4.94
CA TYR C 53 -18.53 24.25 4.73
C TYR C 53 -18.22 22.83 5.18
N ARG C 54 -17.38 22.14 4.42
CA ARG C 54 -16.96 20.80 4.79
C ARG C 54 -15.65 20.89 5.55
N TYR C 55 -15.46 19.95 6.47
CA TYR C 55 -14.20 19.90 7.19
C TYR C 55 -13.16 19.10 6.40
N THR C 56 -11.90 19.32 6.74
CA THR C 56 -10.80 18.65 6.05
C THR C 56 -10.79 17.15 6.33
N GLY C 57 -10.51 16.37 5.28
CA GLY C 57 -10.49 14.93 5.41
C GLY C 57 -11.84 14.28 5.18
N VAL C 58 -12.83 15.06 4.79
CA VAL C 58 -14.18 14.56 4.52
C VAL C 58 -14.37 14.42 3.02
N PRO C 59 -14.75 13.25 2.52
CA PRO C 59 -14.94 13.05 1.08
C PRO C 59 -15.93 14.05 0.50
N ASP C 60 -15.92 14.16 -0.82
CA ASP C 60 -16.75 15.13 -1.54
C ASP C 60 -18.22 14.74 -1.51
N ARG C 61 -18.53 13.49 -1.15
CA ARG C 61 -19.89 12.97 -1.13
C ARG C 61 -20.72 13.50 0.04
N PHE C 62 -20.11 14.21 0.98
CA PHE C 62 -20.82 14.82 2.12
C PHE C 62 -20.98 16.32 1.91
N THR C 63 -22.23 16.81 1.91
CA THR C 63 -22.50 18.25 1.74
C THR C 63 -23.48 18.74 2.80
N GLY C 64 -23.52 20.05 2.96
CA GLY C 64 -24.42 20.68 3.91
C GLY C 64 -25.08 21.93 3.33
N SER C 65 -26.31 22.20 3.80
CA SER C 65 -27.07 23.35 3.31
C SER C 65 -28.04 23.84 4.39
N GLY C 66 -28.68 24.97 4.11
CA GLY C 66 -29.61 25.62 5.02
C GLY C 66 -29.08 26.94 5.55
N SER C 67 -30.01 27.87 5.81
CA SER C 67 -29.66 29.20 6.33
C SER C 67 -30.84 29.76 7.10
N GLY C 68 -30.73 29.80 8.42
CA GLY C 68 -31.77 30.30 9.30
C GLY C 68 -31.98 29.42 10.52
N THR C 69 -32.94 28.50 10.44
CA THR C 69 -33.21 27.61 11.57
C THR C 69 -33.12 26.13 11.21
N ASP C 70 -33.66 25.75 10.05
CA ASP C 70 -33.66 24.37 9.56
C ASP C 70 -32.45 24.13 8.65
N PHE C 71 -31.71 23.05 8.91
CA PHE C 71 -30.50 22.77 8.15
C PHE C 71 -30.53 21.30 7.70
N THR C 72 -29.80 21.02 6.61
CA THR C 72 -29.84 19.72 5.94
C THR C 72 -28.47 19.18 5.59
N PHE C 73 -28.23 17.90 5.95
CA PHE C 73 -27.02 17.14 5.62
C PHE C 73 -27.29 16.12 4.50
N THR C 74 -26.55 16.24 3.40
CA THR C 74 -26.78 15.47 2.18
C THR C 74 -25.61 14.54 1.85
N ILE C 75 -25.92 13.29 1.50
CA ILE C 75 -24.93 12.35 0.96
C ILE C 75 -25.40 11.89 -0.40
N SER C 76 -24.57 12.13 -1.43
CA SER C 76 -24.91 11.78 -2.81
C SER C 76 -24.64 10.31 -3.11
N SER C 77 -23.46 9.81 -2.76
CA SER C 77 -23.09 8.43 -3.02
C SER C 77 -22.88 7.73 -1.67
N VAL C 78 -23.94 7.06 -1.20
CA VAL C 78 -23.84 6.35 0.07
C VAL C 78 -23.01 5.09 -0.15
N GLN C 79 -22.05 4.87 0.72
CA GLN C 79 -21.21 3.70 0.66
C GLN C 79 -21.56 2.78 1.82
N ALA C 80 -21.02 1.57 1.77
CA ALA C 80 -21.30 0.60 2.83
C ALA C 80 -20.72 1.07 4.14
N GLU C 81 -19.62 1.82 4.10
CA GLU C 81 -18.95 2.33 5.28
C GLU C 81 -19.54 3.65 5.76
N ASP C 82 -20.49 4.23 5.02
CA ASP C 82 -21.16 5.45 5.46
C ASP C 82 -22.25 5.16 6.48
N LEU C 83 -22.42 3.89 6.83
CA LEU C 83 -23.36 3.43 7.83
C LEU C 83 -22.97 3.97 9.20
N ALA C 84 -23.72 4.94 9.72
CA ALA C 84 -23.41 5.54 11.02
C ALA C 84 -24.63 6.28 11.54
N VAL C 85 -24.49 6.84 12.73
CA VAL C 85 -25.52 7.67 13.36
C VAL C 85 -25.06 9.11 13.29
N TYR C 86 -25.86 9.96 12.66
CA TYR C 86 -25.51 11.36 12.42
C TYR C 86 -26.19 12.30 13.42
N TYR C 87 -25.41 13.20 14.00
CA TYR C 87 -25.90 14.18 14.97
C TYR C 87 -25.73 15.59 14.40
N CYS C 88 -26.66 16.50 14.73
CA CYS C 88 -26.49 17.92 14.43
C CYS C 88 -26.36 18.73 15.71
N GLN C 89 -25.53 19.78 15.66
CA GLN C 89 -25.17 20.54 16.84
C GLN C 89 -25.02 22.02 16.48
N GLN C 90 -25.60 22.90 17.29
CA GLN C 90 -25.48 24.35 17.11
C GLN C 90 -24.22 24.89 17.78
N HIS C 91 -23.64 25.93 17.18
CA HIS C 91 -22.42 26.52 17.73
C HIS C 91 -22.47 28.05 17.71
N TYR C 92 -23.44 28.63 18.41
CA TYR C 92 -23.52 30.08 18.48
C TYR C 92 -23.85 30.54 19.90
N SER C 93 -24.85 29.92 20.51
CA SER C 93 -25.31 30.30 21.83
C SER C 93 -24.81 29.33 22.88
N ILE C 94 -24.44 29.86 24.04
CA ILE C 94 -24.04 29.02 25.16
C ILE C 94 -25.32 28.64 25.90
N PRO C 95 -25.57 27.35 26.18
CA PRO C 95 -24.68 26.23 25.88
C PRO C 95 -24.89 25.61 24.51
N ARG C 96 -23.89 24.85 24.06
CA ARG C 96 -23.95 24.12 22.79
C ARG C 96 -24.80 22.86 22.97
N THR C 97 -25.86 22.71 22.17
CA THR C 97 -26.72 21.54 22.25
C THR C 97 -26.63 20.66 21.00
N PHE C 98 -27.09 19.42 21.13
CA PHE C 98 -27.08 18.44 20.04
C PHE C 98 -28.48 17.97 19.69
N GLY C 99 -28.56 17.31 18.51
CA GLY C 99 -29.76 16.66 18.05
C GLY C 99 -29.97 15.28 18.65
N GLY C 100 -31.19 14.75 18.49
CA GLY C 100 -31.54 13.44 19.03
C GLY C 100 -30.77 12.28 18.44
N GLY C 101 -30.25 12.43 17.22
CA GLY C 101 -29.50 11.39 16.53
C GLY C 101 -30.32 10.59 15.53
N THR C 102 -29.88 10.58 14.26
CA THR C 102 -30.54 9.87 13.17
C THR C 102 -29.72 8.68 12.67
N LYS C 103 -30.15 7.46 12.99
CA LYS C 103 -29.45 6.26 12.52
C LYS C 103 -29.77 5.99 11.05
N LEU C 104 -28.73 5.91 10.22
CA LEU C 104 -28.92 5.69 8.78
C LEU C 104 -28.78 4.19 8.51
N GLU C 105 -29.90 3.51 8.31
CA GLU C 105 -29.92 2.08 7.98
C GLU C 105 -29.96 1.85 6.48
N ILE C 106 -29.13 0.92 6.00
CA ILE C 106 -28.98 0.65 4.56
C ILE C 106 -29.92 -0.47 4.13
N LYS C 107 -30.65 -0.23 3.04
CA LYS C 107 -31.59 -1.17 2.43
C LYS C 107 -30.96 -1.90 1.26
N ARG C 108 -31.09 -3.23 1.24
CA ARG C 108 -30.55 -4.05 0.15
C ARG C 108 -31.55 -5.17 -0.14
N ALA C 109 -31.12 -6.09 -1.02
CA ALA C 109 -31.94 -7.25 -1.38
C ALA C 109 -31.96 -8.25 -0.23
N ASP C 110 -32.95 -9.13 -0.25
CA ASP C 110 -33.09 -10.13 0.80
C ASP C 110 -31.94 -11.13 0.76
N ALA C 111 -31.59 -11.64 1.94
CA ALA C 111 -30.51 -12.61 2.12
C ALA C 111 -30.97 -13.74 3.04
N ALA C 112 -30.64 -14.96 2.65
CA ALA C 112 -31.01 -16.17 3.42
C ALA C 112 -30.18 -16.29 4.69
N PRO C 113 -30.81 -16.39 5.87
CA PRO C 113 -30.06 -16.49 7.14
C PRO C 113 -29.35 -17.83 7.26
N THR C 114 -28.02 -17.77 7.36
CA THR C 114 -27.19 -18.96 7.59
C THR C 114 -27.28 -19.35 9.06
N VAL C 115 -27.94 -20.47 9.33
CA VAL C 115 -28.19 -20.96 10.69
C VAL C 115 -27.18 -22.06 11.01
N SER C 116 -26.55 -21.95 12.17
CA SER C 116 -25.57 -22.94 12.63
C SER C 116 -25.79 -23.23 14.11
N ILE C 117 -26.09 -24.48 14.43
CA ILE C 117 -26.35 -24.91 15.81
C ILE C 117 -25.05 -25.43 16.41
N PHE C 118 -24.85 -25.19 17.71
CA PHE C 118 -23.60 -25.55 18.36
C PHE C 118 -23.87 -26.32 19.66
N PRO C 119 -23.19 -27.45 19.84
CA PRO C 119 -23.31 -28.24 21.07
C PRO C 119 -22.44 -27.68 22.19
N PRO C 120 -22.87 -27.85 23.44
CA PRO C 120 -22.05 -27.41 24.58
C PRO C 120 -20.69 -28.08 24.57
N SER C 121 -19.65 -27.26 24.74
CA SER C 121 -18.26 -27.73 24.73
C SER C 121 -17.93 -28.52 25.98
N SER C 122 -16.81 -29.25 25.92
CA SER C 122 -16.40 -30.04 27.07
C SER C 122 -15.97 -29.18 28.25
N GLU C 123 -15.41 -27.99 28.01
CA GLU C 123 -15.03 -27.15 29.15
C GLU C 123 -16.27 -26.67 29.91
N GLN C 124 -17.38 -26.46 29.20
CA GLN C 124 -18.60 -26.04 29.85
C GLN C 124 -19.31 -27.24 30.46
N LEU C 125 -19.22 -28.40 29.81
CA LEU C 125 -19.82 -29.58 30.42
C LEU C 125 -19.04 -29.93 31.69
N THR C 126 -17.75 -29.59 31.68
CA THR C 126 -16.88 -29.79 32.84
C THR C 126 -17.31 -28.87 33.96
N SER C 127 -17.66 -27.62 33.64
CA SER C 127 -18.09 -26.69 34.68
C SER C 127 -19.43 -27.09 35.28
N GLY C 128 -20.30 -27.72 34.50
CA GLY C 128 -21.60 -28.16 34.96
C GLY C 128 -22.74 -27.44 34.27
N GLY C 129 -22.44 -26.86 33.12
CA GLY C 129 -23.43 -26.15 32.33
C GLY C 129 -23.40 -26.65 30.90
N ALA C 130 -24.43 -26.30 30.14
CA ALA C 130 -24.48 -26.74 28.75
C ALA C 130 -25.36 -25.78 27.96
N SER C 131 -24.76 -25.01 27.07
CA SER C 131 -25.51 -24.03 26.29
C SER C 131 -25.46 -24.41 24.82
N VAL C 132 -26.64 -24.64 24.23
CA VAL C 132 -26.75 -24.88 22.80
C VAL C 132 -26.93 -23.55 22.11
N VAL C 133 -26.11 -23.28 21.11
CA VAL C 133 -26.10 -21.98 20.44
C VAL C 133 -26.71 -22.12 19.06
N CYS C 134 -27.28 -21.02 18.55
CA CYS C 134 -27.85 -21.02 17.20
C CYS C 134 -27.54 -19.67 16.57
N PHE C 135 -26.53 -19.65 15.72
CA PHE C 135 -26.09 -18.42 15.07
C PHE C 135 -26.87 -18.25 13.77
N LEU C 136 -27.33 -17.03 13.51
CA LEU C 136 -28.03 -16.69 12.27
C LEU C 136 -27.29 -15.53 11.64
N ASN C 137 -26.47 -15.84 10.63
CA ASN C 137 -25.54 -14.88 10.03
C ASN C 137 -25.97 -14.51 8.61
N ASN C 138 -25.75 -13.23 8.26
CA ASN C 138 -25.94 -12.71 6.91
C ASN C 138 -27.34 -12.93 6.36
N PHE C 139 -28.28 -12.08 6.78
CA PHE C 139 -29.63 -12.10 6.25
C PHE C 139 -30.18 -10.68 6.22
N TYR C 140 -31.26 -10.49 5.49
CA TYR C 140 -31.87 -9.18 5.39
C TYR C 140 -33.34 -9.31 4.99
N PRO C 141 -34.25 -8.56 5.63
CA PRO C 141 -33.96 -7.55 6.65
C PRO C 141 -33.83 -8.12 8.07
N LYS C 142 -33.97 -7.25 9.06
CA LYS C 142 -33.80 -7.64 10.46
C LYS C 142 -34.91 -8.57 10.92
N ASP C 143 -36.13 -8.35 10.45
CA ASP C 143 -37.26 -9.16 10.86
C ASP C 143 -37.05 -10.62 10.50
N ILE C 144 -36.98 -11.47 11.53
CA ILE C 144 -36.77 -12.91 11.35
C ILE C 144 -37.23 -13.61 12.60
N ASN C 145 -37.88 -14.75 12.41
CA ASN C 145 -38.37 -15.57 13.50
C ASN C 145 -37.34 -16.64 13.79
N VAL C 146 -37.17 -16.96 15.06
CA VAL C 146 -36.27 -18.02 15.48
C VAL C 146 -37.08 -18.93 16.39
N LYS C 147 -37.15 -20.20 16.04
CA LYS C 147 -37.89 -21.17 16.80
C LYS C 147 -36.92 -22.25 17.24
N TRP C 148 -37.05 -22.67 18.50
CA TRP C 148 -36.19 -23.67 19.10
C TRP C 148 -36.90 -25.00 19.22
N LYS C 149 -36.09 -26.05 19.19
CA LYS C 149 -36.58 -27.42 19.28
C LYS C 149 -35.55 -28.23 20.06
N ILE C 150 -35.89 -28.59 21.30
CA ILE C 150 -34.98 -29.42 22.08
C ILE C 150 -34.99 -30.82 21.50
N ASP C 151 -36.18 -31.39 21.35
CA ASP C 151 -36.42 -32.69 20.75
C ASP C 151 -37.72 -32.62 19.95
N GLY C 152 -37.82 -31.58 19.10
CA GLY C 152 -39.00 -31.33 18.30
C GLY C 152 -40.01 -30.37 18.89
N SER C 153 -40.01 -30.20 20.22
CA SER C 153 -40.92 -29.28 20.90
C SER C 153 -40.36 -27.86 20.92
N GLU C 154 -41.22 -26.88 20.65
CA GLU C 154 -40.76 -25.50 20.63
C GLU C 154 -40.37 -25.08 22.05
N ARG C 155 -39.06 -24.95 22.27
CA ARG C 155 -38.54 -24.49 23.55
C ARG C 155 -38.55 -22.97 23.55
N GLN C 156 -39.05 -22.40 24.64
CA GLN C 156 -39.17 -20.96 24.71
C GLN C 156 -38.57 -20.34 25.96
N ASN C 157 -38.37 -21.11 27.04
CA ASN C 157 -37.73 -20.57 28.23
C ASN C 157 -36.24 -20.73 28.08
N GLY C 158 -35.49 -19.69 28.43
CA GLY C 158 -34.05 -19.72 28.30
C GLY C 158 -33.55 -19.39 26.92
N VAL C 159 -34.37 -18.74 26.09
CA VAL C 159 -33.99 -18.37 24.72
C VAL C 159 -33.74 -16.88 24.71
N LEU C 160 -32.56 -16.48 24.25
CA LEU C 160 -32.22 -15.06 24.14
C LEU C 160 -31.80 -14.71 22.72
N ASN C 161 -32.48 -13.73 22.11
CA ASN C 161 -32.15 -13.26 20.77
C ASN C 161 -31.34 -11.97 20.89
N SER C 162 -30.20 -11.94 20.21
CA SER C 162 -29.31 -10.79 20.21
C SER C 162 -29.07 -10.35 18.77
N TRP C 163 -29.64 -9.21 18.38
CA TRP C 163 -29.44 -8.66 17.04
C TRP C 163 -28.25 -7.71 17.05
N THR C 164 -27.32 -7.92 16.14
CA THR C 164 -26.22 -6.98 15.97
C THR C 164 -26.68 -5.82 15.10
N ASP C 165 -25.86 -4.78 15.02
CA ASP C 165 -26.19 -3.71 14.10
C ASP C 165 -25.92 -4.13 12.67
N GLN C 166 -26.36 -3.27 11.74
CA GLN C 166 -26.16 -3.54 10.32
C GLN C 166 -24.68 -3.56 10.00
N ASP C 167 -24.33 -4.17 8.88
CA ASP C 167 -22.93 -4.30 8.49
C ASP C 167 -22.49 -3.11 7.65
N SER C 168 -21.18 -2.86 7.67
CA SER C 168 -20.58 -1.74 6.97
C SER C 168 -19.91 -2.17 5.67
N LYS C 169 -20.05 -3.44 5.29
CA LYS C 169 -19.43 -4.01 4.11
C LYS C 169 -20.47 -4.54 3.12
N ASP C 170 -21.41 -5.36 3.60
CA ASP C 170 -22.46 -5.94 2.76
C ASP C 170 -23.85 -5.57 3.24
N SER C 171 -23.94 -4.80 4.33
CA SER C 171 -25.22 -4.36 4.91
C SER C 171 -26.13 -5.54 5.24
N THR C 172 -25.61 -6.48 6.03
CA THR C 172 -26.39 -7.66 6.41
C THR C 172 -26.42 -7.81 7.93
N TYR C 173 -27.62 -7.84 8.49
CA TYR C 173 -27.80 -8.06 9.92
C TYR C 173 -27.39 -9.47 10.31
N SER C 174 -27.08 -9.66 11.58
CA SER C 174 -26.75 -10.98 12.11
C SER C 174 -27.20 -11.05 13.56
N MET C 175 -27.83 -12.18 13.93
CA MET C 175 -28.37 -12.34 15.26
C MET C 175 -27.96 -13.70 15.83
N SER C 176 -28.03 -13.80 17.16
CA SER C 176 -27.71 -15.04 17.85
C SER C 176 -28.87 -15.43 18.76
N SER C 177 -29.36 -16.66 18.59
CA SER C 177 -30.40 -17.23 19.43
C SER C 177 -29.72 -18.23 20.36
N THR C 178 -29.72 -17.95 21.66
CA THR C 178 -29.01 -18.77 22.62
C THR C 178 -30.00 -19.54 23.49
N LEU C 179 -29.81 -20.87 23.57
CA LEU C 179 -30.61 -21.74 24.43
C LEU C 179 -29.70 -22.35 25.51
N THR C 180 -29.71 -21.74 26.69
CA THR C 180 -28.88 -22.15 27.82
C THR C 180 -29.59 -23.17 28.71
N LEU C 181 -28.95 -24.32 28.94
CA LEU C 181 -29.52 -25.35 29.79
C LEU C 181 -28.47 -25.92 30.74
N THR C 182 -28.95 -26.69 31.72
CA THR C 182 -28.09 -27.35 32.69
C THR C 182 -27.48 -28.62 32.11
N LYS C 183 -26.44 -29.12 32.79
CA LYS C 183 -25.75 -30.33 32.35
C LYS C 183 -26.63 -31.57 32.52
N ASP C 184 -27.36 -31.65 33.63
CA ASP C 184 -28.23 -32.81 33.88
C ASP C 184 -29.27 -32.93 32.79
N GLU C 185 -29.83 -31.79 32.38
CA GLU C 185 -30.84 -31.79 31.33
C GLU C 185 -30.20 -32.04 29.97
N TYR C 186 -28.92 -31.66 29.82
CA TYR C 186 -28.26 -31.89 28.54
C TYR C 186 -27.93 -33.36 28.32
N GLU C 187 -27.58 -34.10 29.37
CA GLU C 187 -27.25 -35.51 29.17
C GLU C 187 -28.48 -36.41 29.22
N ARG C 188 -29.68 -35.84 29.13
CA ARG C 188 -30.91 -36.61 29.05
C ARG C 188 -31.61 -36.37 27.72
N HIS C 189 -30.97 -35.64 26.81
CA HIS C 189 -31.51 -35.37 25.49
C HIS C 189 -30.36 -35.43 24.49
N ASN C 190 -30.69 -35.65 23.22
CA ASN C 190 -29.64 -35.87 22.24
C ASN C 190 -29.61 -34.82 21.13
N SER C 191 -30.43 -35.05 20.10
CA SER C 191 -30.43 -34.24 18.88
C SER C 191 -31.16 -32.91 19.11
N TYR C 192 -30.41 -31.83 19.20
CA TYR C 192 -30.98 -30.49 19.32
C TYR C 192 -31.20 -29.92 17.92
N THR C 193 -32.24 -29.11 17.78
CA THR C 193 -32.64 -28.57 16.49
C THR C 193 -33.14 -27.14 16.66
N CYS C 194 -32.53 -26.20 15.94
CA CYS C 194 -33.03 -24.82 15.87
C CYS C 194 -33.39 -24.48 14.42
N GLU C 195 -34.53 -23.80 14.24
CA GLU C 195 -35.03 -23.44 12.92
C GLU C 195 -35.32 -21.95 12.86
N ALA C 196 -35.25 -21.40 11.66
CA ALA C 196 -35.44 -19.98 11.43
C ALA C 196 -36.46 -19.73 10.33
N THR C 197 -37.39 -18.81 10.56
CA THR C 197 -38.40 -18.43 9.59
C THR C 197 -38.07 -17.02 9.11
N HIS C 198 -37.75 -16.89 7.82
CA HIS C 198 -37.40 -15.60 7.23
C HIS C 198 -38.30 -15.35 6.02
N LYS C 199 -38.25 -14.12 5.49
CA LYS C 199 -39.10 -13.80 4.36
C LYS C 199 -38.50 -14.25 3.04
N THR C 200 -37.25 -14.72 3.05
CA THR C 200 -36.62 -15.20 1.82
C THR C 200 -37.29 -16.47 1.32
N SER C 201 -37.74 -17.33 2.24
CA SER C 201 -38.42 -18.58 1.89
C SER C 201 -39.45 -18.90 2.96
N THR C 202 -40.52 -19.57 2.51
CA THR C 202 -41.61 -19.96 3.40
C THR C 202 -41.24 -21.07 4.38
N SER C 203 -40.37 -21.99 3.97
CA SER C 203 -40.00 -23.11 4.83
C SER C 203 -38.86 -22.75 5.77
N PRO C 204 -39.07 -22.81 7.09
CA PRO C 204 -37.99 -22.48 8.04
C PRO C 204 -36.81 -23.42 7.89
N ILE C 205 -35.61 -22.85 8.03
CA ILE C 205 -34.36 -23.61 7.96
C ILE C 205 -34.17 -24.37 9.27
N VAL C 206 -34.01 -25.68 9.17
CA VAL C 206 -33.94 -26.58 10.33
C VAL C 206 -32.53 -27.14 10.43
N LYS C 207 -31.91 -26.96 11.60
CA LYS C 207 -30.58 -27.48 11.91
C LYS C 207 -30.61 -28.39 13.14
N SER C 208 -29.87 -29.50 13.08
CA SER C 208 -29.89 -30.50 14.14
C SER C 208 -28.50 -31.11 14.35
N PHE C 209 -28.22 -31.51 15.60
CA PHE C 209 -27.01 -32.24 15.96
C PHE C 209 -27.34 -33.27 17.04
N ASN C 210 -26.40 -34.19 17.29
CA ASN C 210 -26.54 -35.23 18.29
C ASN C 210 -25.58 -35.02 19.47
N ARG C 211 -26.06 -35.34 20.70
CA ARG C 211 -25.24 -35.23 21.90
C ARG C 211 -24.21 -36.34 22.05
N ASN C 212 -24.39 -37.48 21.38
CA ASN C 212 -23.55 -38.65 21.68
C ASN C 212 -22.22 -38.44 20.98
N GLU C 213 -21.42 -37.56 21.58
CA GLU C 213 -20.04 -37.30 21.17
C GLU C 213 -20.03 -37.05 19.67
N CYS C 214 -20.96 -36.19 19.24
CA CYS C 214 -21.20 -35.77 17.85
C CYS C 214 -20.94 -36.89 16.85
C1 NAG D . 0.75 18.66 10.85
C2 NAG D . -0.39 18.08 11.68
C3 NAG D . 0.09 17.77 13.10
C4 NAG D . 1.30 16.85 13.05
C5 NAG D . 2.39 17.45 12.16
C6 NAG D . 3.56 16.52 11.95
C7 NAG D . -2.80 18.52 11.69
C8 NAG D . -3.87 19.57 11.74
N2 NAG D . -1.54 18.97 11.73
O3 NAG D . -0.95 17.17 13.86
O4 NAG D . 1.84 16.66 14.36
O5 NAG D . 1.86 17.74 10.86
O6 NAG D . 4.19 16.78 10.70
O7 NAG D . -3.07 17.33 11.61
C1 CLR E . 14.29 -8.34 12.45
C2 CLR E . 13.37 -7.89 13.57
C3 CLR E . 12.36 -6.90 12.99
C4 CLR E . 11.54 -7.56 11.89
C5 CLR E . 12.41 -8.30 10.91
C6 CLR E . 12.13 -8.23 9.61
C7 CLR E . 13.13 -8.67 8.56
C8 CLR E . 13.78 -9.95 9.03
C9 CLR E . 14.50 -9.67 10.33
C10 CLR E . 13.53 -9.17 11.42
C11 CLR E . 15.32 -10.89 10.77
C12 CLR E . 16.16 -11.52 9.65
C13 CLR E . 15.28 -11.83 8.45
C14 CLR E . 14.75 -10.49 8.00
C15 CLR E . 14.18 -10.73 6.62
C16 CLR E . 15.11 -11.79 6.04
C17 CLR E . 15.94 -12.36 7.18
C18 CLR E . 14.18 -12.77 8.92
C19 CLR E . 12.89 -10.32 12.15
C20 CLR E . 16.01 -13.88 7.04
C21 CLR E . 16.94 -14.48 8.08
C22 CLR E . 16.42 -14.30 5.64
C23 CLR E . 15.22 -14.83 4.87
C24 CLR E . 15.29 -14.51 3.37
C25 CLR E . 14.59 -15.56 2.52
C26 CLR E . 14.04 -14.95 1.24
C27 CLR E . 15.52 -16.73 2.19
O1 CLR E . 11.47 -6.47 14.03
C1B LMT F . 25.27 1.16 -4.31
C2B LMT F . 23.72 1.02 -4.42
C3B LMT F . 23.27 -0.44 -4.57
C4B LMT F . 24.31 -1.47 -4.08
C5B LMT F . 25.13 -0.81 -2.94
C6B LMT F . 26.03 -1.86 -2.29
O1B LMT F . 25.59 2.48 -4.00
O2B LMT F . 23.16 1.61 -3.31
O3B LMT F . 22.82 -0.70 -5.84
O4' LMT F . 23.70 -2.59 -3.57
O5B LMT F . 25.89 0.28 -3.40
O6B LMT F . 25.33 -3.03 -2.05
C1' LMT F . 27.35 5.30 -5.21
C2' LMT F . 26.54 5.44 -3.90
C3' LMT F . 25.11 4.82 -4.03
C4' LMT F . 25.07 3.51 -4.83
C5' LMT F . 25.98 3.65 -6.07
C6' LMT F . 25.49 4.59 -7.14
O2' LMT F . 27.22 4.80 -2.88
O3' LMT F . 24.22 5.73 -4.54
O5' LMT F . 27.30 3.96 -5.67
O6' LMT F . 26.44 4.58 -8.14
C1 NAG G . 4.65 37.61 7.42
C2 NAG G . 3.91 38.93 7.82
C3 NAG G . 4.06 39.26 9.31
C4 NAG G . 3.64 38.08 10.17
C5 NAG G . 4.57 36.90 9.92
C6 NAG G . 4.17 35.65 10.70
C7 NAG G . 5.44 40.68 6.85
C8 NAG G . 5.49 41.83 5.87
N2 NAG G . 4.25 40.07 6.96
O3 NAG G . 3.23 40.38 9.61
O4 NAG G . 3.62 38.40 11.55
O5 NAG G . 4.52 36.56 8.52
O6 NAG G . 5.24 35.03 11.40
O7 NAG G . 6.43 40.34 7.50
FAA 8PR H . 20.33 -4.41 -13.29
CAB 8PR H . 20.56 -2.56 -14.72
CAC 8PR H . 18.82 -4.16 -15.05
CAD 8PR H . 13.21 -2.23 -17.35
CAE 8PR H . 20.12 -1.83 -15.81
CAF 8PR H . 18.37 -3.44 -16.15
CAG 8PR H . 12.25 -3.22 -17.02
CAH 8PR H . 14.93 -3.94 -17.38
CAI 8PR H . 19.50 0.13 -19.54
CAJ 8PR H . 19.81 -0.70 -18.30
CAK 8PR H . 17.19 0.43 -18.71
CAL 8PR H . 12.81 -6.81 -16.46
CAM 8PR H . 16.28 -1.02 -16.90
NAN 8PR H . 18.34 1.05 -19.35
OAO 8PR H . 15.82 -1.95 -17.86
OAP 8PR H . 11.88 -5.74 -16.55
OAQ 8PR H . 14.09 -6.34 -16.84
CAR 8PR H . 19.89 -3.73 -14.35
CAS 8PR H . 14.53 -2.60 -17.53
CAT 8PR H . 19.02 -2.28 -16.53
CAU 8PR H . 12.64 -4.55 -16.87
CAV 8PR H . 13.97 -4.92 -17.05
CAW 8PR H . 17.56 -0.37 -17.44
CAX 8PR H . 18.60 -1.38 -17.77
CL CL I . 23.88 8.08 -18.59
NA NA J . 19.83 3.81 -19.72
#